data_6TQ5
#
_entry.id   6TQ5
#
_cell.length_a   76.115
_cell.length_b   113.136
_cell.length_c   124.206
_cell.angle_alpha   90.000
_cell.angle_beta   94.040
_cell.angle_gamma   90.000
#
_symmetry.space_group_name_H-M   'I 1 2 1'
#
loop_
_entity.id
_entity.type
_entity.pdbx_description
1 polymer 'Enzyme subunit'
2 non-polymer 'NADP NICOTINAMIDE-ADENINE-DINUCLEOTIDE PHOSPHATE'
3 non-polymer 'ISOPROPYL ALCOHOL'
4 non-polymer GLYCEROL
5 water water
#
_entity_poly.entity_id   1
_entity_poly.type   'polypeptide(L)'
_entity_poly.pdbx_seq_one_letter_code
;MTSSSSPSLNALVTGGSRGIGEAISMQLAAEGYSVTIASRGLEQLEAVKAKLPIVKQGQTHHVWQLDLSDVEAAGSFKGA
PLPASSYDVFVSNAGISQFSPIAEHADADWQNMLTVNLTAPIALTKAVVKAISDKPRQTPAHIIFISTGLSKRGAPMVGV
YSASKAGIDGFMRSLARELGPKGINVNCVSPGVTRTSMAEGIDPSMFDLPINGWIEVDAIADAVTYLVKSKNVTGTTVSV
DNGYCA
;
_entity_poly.pdbx_strand_id   A,B,C,D
#
loop_
_chem_comp.id
_chem_comp.type
_chem_comp.name
_chem_comp.formula
GOL non-polymer GLYCEROL 'C3 H8 O3'
IPA non-polymer 'ISOPROPYL ALCOHOL' 'C3 H8 O'
NAP non-polymer 'NADP NICOTINAMIDE-ADENINE-DINUCLEOTIDE PHOSPHATE' 'C21 H28 N7 O17 P3'
#
# COMPACT_ATOMS: atom_id res chain seq x y z
N PRO A 7 -9.90 -28.78 -26.62
CA PRO A 7 -9.62 -27.49 -25.93
C PRO A 7 -9.14 -27.60 -24.46
N SER A 8 -8.23 -28.51 -24.03
CA SER A 8 -7.81 -28.37 -22.64
C SER A 8 -6.49 -27.58 -22.64
N LEU A 9 -6.52 -26.44 -22.01
CA LEU A 9 -5.38 -25.57 -21.81
C LEU A 9 -4.44 -26.17 -20.80
N ASN A 10 -3.20 -25.74 -20.83
CA ASN A 10 -2.15 -26.32 -19.97
C ASN A 10 -1.81 -25.34 -18.87
N ALA A 11 -1.74 -25.90 -17.64
CA ALA A 11 -1.29 -25.10 -16.51
C ALA A 11 -0.11 -25.74 -15.85
N LEU A 12 0.88 -24.88 -15.47
CA LEU A 12 2.04 -25.38 -14.78
C LEU A 12 1.91 -24.87 -13.29
N VAL A 13 1.98 -25.79 -12.34
CA VAL A 13 1.92 -25.46 -10.92
C VAL A 13 3.18 -26.02 -10.26
N THR A 14 4.04 -25.10 -9.80
CA THR A 14 5.17 -25.53 -9.02
C THR A 14 4.72 -25.87 -7.61
N GLY A 15 5.39 -26.77 -6.97
CA GLY A 15 4.97 -27.19 -5.64
C GLY A 15 3.65 -27.86 -5.64
N GLY A 16 3.43 -28.66 -6.70
CA GLY A 16 2.17 -29.32 -6.80
C GLY A 16 2.01 -30.62 -6.01
N SER A 17 3.04 -31.06 -5.27
CA SER A 17 3.08 -32.32 -4.66
C SER A 17 2.33 -32.42 -3.33
N ARG A 18 1.99 -31.25 -2.71
CA ARG A 18 1.31 -31.27 -1.36
C ARG A 18 0.80 -29.83 -1.16
N GLY A 19 0.05 -29.71 -0.08
CA GLY A 19 -0.27 -28.34 0.37
C GLY A 19 -1.12 -27.51 -0.61
N ILE A 20 -0.90 -26.21 -0.56
CA ILE A 20 -1.56 -25.25 -1.41
C ILE A 20 -1.48 -25.68 -2.87
N GLY A 21 -0.29 -26.03 -3.28
CA GLY A 21 -0.09 -26.34 -4.72
C GLY A 21 -0.88 -27.55 -5.18
N GLU A 22 -0.98 -28.55 -4.35
CA GLU A 22 -1.87 -29.70 -4.64
C GLU A 22 -3.33 -29.25 -4.78
N ALA A 23 -3.78 -28.42 -3.88
CA ALA A 23 -5.14 -27.96 -3.92
C ALA A 23 -5.42 -27.16 -5.19
N ILE A 24 -4.48 -26.29 -5.58
CA ILE A 24 -4.59 -25.46 -6.76
C ILE A 24 -4.69 -26.46 -7.98
N SER A 25 -3.77 -27.46 -8.00
CA SER A 25 -3.74 -28.41 -9.11
C SER A 25 -5.06 -29.19 -9.21
N MET A 26 -5.63 -29.58 -8.08
CA MET A 26 -6.84 -30.29 -8.06
C MET A 26 -8.00 -29.45 -8.63
N GLN A 27 -8.08 -28.18 -8.27
CA GLN A 27 -9.16 -27.29 -8.75
C GLN A 27 -9.01 -27.01 -10.24
N LEU A 28 -7.78 -26.74 -10.69
CA LEU A 28 -7.61 -26.43 -12.13
C LEU A 28 -7.98 -27.75 -12.89
N ALA A 29 -7.58 -28.91 -12.42
CA ALA A 29 -7.92 -30.19 -13.12
C ALA A 29 -9.42 -30.36 -13.18
N ALA A 30 -10.12 -30.02 -12.11
CA ALA A 30 -11.61 -30.18 -12.11
C ALA A 30 -12.27 -29.21 -13.11
N GLU A 31 -11.57 -28.11 -13.37
CA GLU A 31 -11.99 -27.06 -14.30
C GLU A 31 -11.63 -27.39 -15.73
N GLY A 32 -10.95 -28.49 -15.93
CA GLY A 32 -10.62 -28.91 -17.33
C GLY A 32 -9.18 -28.63 -17.80
N TYR A 33 -8.32 -28.00 -16.99
CA TYR A 33 -6.94 -27.83 -17.41
C TYR A 33 -6.14 -29.07 -17.34
N SER A 34 -5.16 -29.16 -18.29
CA SER A 34 -4.17 -30.18 -18.27
C SER A 34 -3.04 -29.62 -17.38
N VAL A 35 -2.85 -30.29 -16.23
CA VAL A 35 -1.93 -29.73 -15.21
C VAL A 35 -0.58 -30.44 -15.20
N THR A 36 0.48 -29.64 -15.30
CA THR A 36 1.84 -30.09 -15.03
C THR A 36 2.26 -29.66 -13.60
N ILE A 37 2.50 -30.64 -12.75
CA ILE A 37 2.93 -30.34 -11.39
C ILE A 37 4.44 -30.52 -11.30
N ALA A 38 5.12 -29.56 -10.67
CA ALA A 38 6.61 -29.58 -10.66
C ALA A 38 7.09 -29.43 -9.23
N SER A 39 8.03 -30.29 -8.82
CA SER A 39 8.68 -30.17 -7.51
C SER A 39 9.72 -31.29 -7.42
N ARG A 40 10.36 -31.45 -6.29
CA ARG A 40 11.49 -32.40 -6.18
C ARG A 40 11.07 -33.84 -6.05
N GLY A 41 9.93 -34.09 -5.40
CA GLY A 41 9.54 -35.45 -5.03
C GLY A 41 8.83 -36.11 -6.18
N LEU A 42 9.55 -36.84 -6.97
CA LEU A 42 8.94 -37.47 -8.14
C LEU A 42 7.89 -38.46 -7.81
N GLU A 43 8.05 -39.39 -6.85
CA GLU A 43 6.98 -40.36 -6.57
C GLU A 43 5.76 -39.68 -6.00
N GLN A 44 5.97 -38.65 -5.15
CA GLN A 44 4.85 -37.87 -4.61
C GLN A 44 4.06 -37.19 -5.74
N LEU A 45 4.79 -36.60 -6.69
CA LEU A 45 4.17 -35.98 -7.89
C LEU A 45 3.39 -37.04 -8.65
N GLU A 46 3.97 -38.20 -8.86
CA GLU A 46 3.21 -39.27 -9.59
C GLU A 46 1.92 -39.64 -8.86
N ALA A 47 1.96 -39.68 -7.55
CA ALA A 47 0.78 -40.08 -6.69
C ALA A 47 -0.31 -38.97 -6.90
N VAL A 48 0.10 -37.71 -6.80
CA VAL A 48 -0.85 -36.62 -7.01
C VAL A 48 -1.40 -36.63 -8.45
N LYS A 49 -0.54 -36.84 -9.42
CA LYS A 49 -1.02 -36.79 -10.82
C LYS A 49 -2.08 -37.85 -11.03
N ALA A 50 -1.91 -39.04 -10.44
CA ALA A 50 -2.84 -40.19 -10.58
C ALA A 50 -4.22 -39.85 -10.02
N LYS A 51 -4.29 -38.87 -9.10
CA LYS A 51 -5.55 -38.44 -8.48
C LYS A 51 -6.15 -37.24 -9.05
N LEU A 52 -5.46 -36.52 -9.92
CA LEU A 52 -6.01 -35.31 -10.53
C LEU A 52 -7.21 -35.68 -11.41
N PRO A 53 -8.34 -34.99 -11.19
CA PRO A 53 -9.50 -35.38 -11.98
C PRO A 53 -9.31 -35.18 -13.48
N ILE A 54 -9.97 -36.08 -14.24
N ILE A 54 -9.96 -36.09 -14.24
CA ILE A 54 -10.02 -35.96 -15.71
CA ILE A 54 -10.03 -35.99 -15.71
C ILE A 54 -11.51 -35.83 -16.04
C ILE A 54 -11.51 -35.82 -16.03
N VAL A 55 -11.85 -34.63 -16.53
CA VAL A 55 -13.19 -34.20 -16.71
C VAL A 55 -13.56 -34.00 -18.19
N LYS A 56 -12.62 -34.11 -19.11
CA LYS A 56 -12.93 -34.04 -20.52
C LYS A 56 -11.89 -34.65 -21.39
N GLN A 57 -12.31 -34.89 -22.62
CA GLN A 57 -11.46 -35.37 -23.67
C GLN A 57 -10.30 -34.44 -23.90
N GLY A 58 -9.14 -35.00 -24.17
CA GLY A 58 -8.01 -34.18 -24.51
C GLY A 58 -7.27 -33.69 -23.30
N GLN A 59 -7.74 -33.93 -22.13
CA GLN A 59 -7.07 -33.43 -20.91
C GLN A 59 -6.08 -34.49 -20.46
N THR A 60 -4.83 -34.06 -20.19
CA THR A 60 -3.76 -34.94 -19.81
C THR A 60 -2.91 -34.24 -18.70
N HIS A 61 -2.53 -34.95 -17.61
CA HIS A 61 -1.71 -34.32 -16.64
C HIS A 61 -0.30 -34.84 -16.77
N HIS A 62 0.63 -34.13 -16.13
CA HIS A 62 2.05 -34.44 -16.30
C HIS A 62 2.83 -34.04 -15.03
N VAL A 63 4.01 -34.62 -14.88
CA VAL A 63 4.90 -34.33 -13.75
C VAL A 63 6.20 -33.81 -14.27
N TRP A 64 6.85 -32.95 -13.47
CA TRP A 64 8.18 -32.41 -13.75
C TRP A 64 8.96 -32.52 -12.44
N GLN A 65 10.00 -33.36 -12.41
CA GLN A 65 10.94 -33.32 -11.31
C GLN A 65 11.87 -32.13 -11.52
N LEU A 66 11.75 -31.18 -10.64
CA LEU A 66 12.42 -29.89 -10.71
C LEU A 66 12.82 -29.43 -9.30
N ASP A 67 14.12 -29.18 -9.14
CA ASP A 67 14.60 -28.59 -7.87
C ASP A 67 14.87 -27.15 -8.20
N LEU A 68 14.05 -26.26 -7.57
CA LEU A 68 14.20 -24.82 -7.75
C LEU A 68 15.44 -24.20 -7.18
N SER A 69 16.23 -24.98 -6.47
CA SER A 69 17.54 -24.51 -6.13
C SER A 69 18.48 -24.42 -7.32
N ASP A 70 18.09 -25.07 -8.43
CA ASP A 70 18.89 -25.10 -9.65
C ASP A 70 18.27 -24.13 -10.63
N VAL A 71 18.75 -22.91 -10.63
CA VAL A 71 18.23 -21.77 -11.47
C VAL A 71 18.35 -22.06 -12.96
N GLU A 72 19.44 -22.62 -13.31
CA GLU A 72 19.63 -22.96 -14.70
C GLU A 72 18.62 -24.04 -15.16
N ALA A 73 18.37 -25.09 -14.36
CA ALA A 73 17.35 -26.11 -14.74
C ALA A 73 16.02 -25.42 -14.90
N ALA A 74 15.61 -24.55 -13.96
CA ALA A 74 14.33 -23.91 -14.07
C ALA A 74 14.23 -23.04 -15.34
N GLY A 75 15.23 -22.23 -15.60
CA GLY A 75 15.21 -21.28 -16.67
C GLY A 75 15.28 -22.00 -18.05
N SER A 76 15.92 -23.17 -18.13
N SER A 76 15.88 -23.18 -18.09
CA SER A 76 15.93 -23.92 -19.43
CA SER A 76 15.98 -23.99 -19.35
C SER A 76 14.84 -24.97 -19.53
C SER A 76 14.87 -25.00 -19.50
N PHE A 77 13.91 -25.07 -18.57
CA PHE A 77 12.93 -26.13 -18.60
C PHE A 77 13.54 -27.54 -18.70
N LYS A 78 14.65 -27.75 -17.97
CA LYS A 78 15.30 -29.02 -17.96
C LYS A 78 14.45 -30.09 -17.27
N GLY A 79 14.11 -31.13 -18.03
CA GLY A 79 13.33 -32.24 -17.58
C GLY A 79 11.82 -31.98 -17.68
N ALA A 80 11.40 -30.80 -18.20
CA ALA A 80 9.96 -30.48 -18.25
C ALA A 80 9.29 -31.42 -19.33
N PRO A 81 8.08 -31.83 -19.07
CA PRO A 81 7.39 -32.79 -19.92
C PRO A 81 6.87 -32.08 -21.19
N LEU A 82 6.66 -30.80 -21.12
CA LEU A 82 6.20 -29.95 -22.24
C LEU A 82 7.11 -28.73 -22.32
N PRO A 83 7.29 -28.16 -23.50
CA PRO A 83 8.02 -26.90 -23.67
C PRO A 83 7.26 -25.76 -23.02
N ALA A 84 7.99 -24.78 -22.61
CA ALA A 84 7.37 -23.54 -22.05
C ALA A 84 6.29 -22.92 -22.94
N SER A 85 6.42 -23.08 -24.26
CA SER A 85 5.42 -22.56 -25.16
C SER A 85 3.98 -23.20 -25.01
N SER A 86 3.86 -24.33 -24.34
CA SER A 86 2.62 -25.02 -24.19
C SER A 86 1.66 -24.42 -23.16
N TYR A 87 2.20 -23.55 -22.30
CA TYR A 87 1.46 -23.11 -21.17
C TYR A 87 0.63 -21.84 -21.31
N ASP A 88 -0.63 -21.92 -20.80
CA ASP A 88 -1.56 -20.84 -20.77
C ASP A 88 -1.70 -20.26 -19.33
N VAL A 89 -1.34 -21.09 -18.34
CA VAL A 89 -1.42 -20.65 -16.95
C VAL A 89 -0.14 -21.11 -16.29
N PHE A 90 0.47 -20.26 -15.51
CA PHE A 90 1.65 -20.63 -14.74
C PHE A 90 1.38 -20.13 -13.28
N VAL A 91 1.34 -21.05 -12.36
CA VAL A 91 1.20 -20.71 -10.93
C VAL A 91 2.52 -21.05 -10.24
N SER A 92 3.19 -19.97 -9.79
CA SER A 92 4.49 -20.07 -9.10
C SER A 92 4.10 -20.21 -7.61
N ASN A 93 4.07 -21.45 -7.14
CA ASN A 93 3.57 -21.78 -5.75
C ASN A 93 4.67 -22.32 -4.84
N ALA A 94 5.62 -23.08 -5.38
CA ALA A 94 6.59 -23.74 -4.52
C ALA A 94 7.33 -22.64 -3.70
N GLY A 95 7.71 -23.06 -2.52
CA GLY A 95 8.38 -22.10 -1.65
C GLY A 95 8.83 -22.78 -0.35
N ILE A 96 9.80 -22.08 0.27
CA ILE A 96 10.36 -22.50 1.56
C ILE A 96 10.23 -21.31 2.52
N SER A 97 9.87 -21.62 3.78
CA SER A 97 9.90 -20.59 4.82
C SER A 97 10.83 -21.01 5.95
N GLN A 98 11.56 -20.01 6.45
CA GLN A 98 12.52 -20.24 7.53
C GLN A 98 12.33 -19.13 8.56
N PHE A 99 12.26 -19.53 9.85
CA PHE A 99 12.11 -18.62 10.94
C PHE A 99 13.40 -18.58 11.69
N SER A 100 13.94 -17.39 11.82
CA SER A 100 15.23 -17.16 12.59
C SER A 100 15.40 -15.66 12.82
N PRO A 101 16.03 -15.27 13.93
CA PRO A 101 16.59 -13.91 14.00
C PRO A 101 17.60 -13.76 12.87
N ILE A 102 17.62 -12.59 12.26
CA ILE A 102 18.53 -12.38 11.14
C ILE A 102 19.98 -12.64 11.53
N ALA A 103 20.36 -12.28 12.74
CA ALA A 103 21.71 -12.46 13.16
C ALA A 103 22.14 -13.90 13.26
N GLU A 104 21.19 -14.84 13.43
CA GLU A 104 21.47 -16.24 13.58
C GLU A 104 21.09 -17.08 12.36
N HIS A 105 20.70 -16.41 11.26
CA HIS A 105 20.18 -17.16 10.10
C HIS A 105 21.35 -17.64 9.21
N ALA A 106 21.52 -18.98 9.19
CA ALA A 106 22.62 -19.62 8.51
C ALA A 106 22.61 -19.27 7.05
N ASP A 107 23.75 -18.83 6.53
CA ASP A 107 23.88 -18.34 5.15
C ASP A 107 23.43 -19.33 4.12
N ALA A 108 23.81 -20.60 4.27
CA ALA A 108 23.37 -21.60 3.26
C ALA A 108 21.84 -21.71 3.26
N ASP A 109 21.19 -21.61 4.42
CA ASP A 109 19.75 -21.69 4.51
C ASP A 109 19.07 -20.47 3.85
N TRP A 110 19.40 -19.23 4.25
CA TRP A 110 18.67 -18.09 3.69
C TRP A 110 18.94 -17.90 2.24
N GLN A 111 20.16 -18.21 1.79
CA GLN A 111 20.49 -18.10 0.39
C GLN A 111 19.73 -19.11 -0.41
N ASN A 112 19.56 -20.29 0.08
CA ASN A 112 18.74 -21.30 -0.65
C ASN A 112 17.29 -20.88 -0.71
N MET A 113 16.80 -20.33 0.40
CA MET A 113 15.40 -19.87 0.42
C MET A 113 15.21 -18.72 -0.58
N LEU A 114 16.15 -17.80 -0.71
CA LEU A 114 16.03 -16.71 -1.61
C LEU A 114 16.03 -17.26 -3.04
N THR A 115 16.87 -18.26 -3.31
CA THR A 115 16.93 -18.80 -4.67
C THR A 115 15.59 -19.51 -5.05
N VAL A 116 15.08 -20.33 -4.19
CA VAL A 116 13.84 -21.14 -4.42
C VAL A 116 12.68 -20.16 -4.54
N ASN A 117 12.63 -19.13 -3.70
CA ASN A 117 11.44 -18.33 -3.64
C ASN A 117 11.37 -17.20 -4.61
N LEU A 118 12.54 -16.74 -5.10
CA LEU A 118 12.62 -15.55 -5.93
C LEU A 118 13.42 -15.78 -7.22
N THR A 119 14.69 -16.21 -7.11
CA THR A 119 15.52 -16.27 -8.28
C THR A 119 14.97 -17.30 -9.31
N ALA A 120 14.64 -18.47 -8.83
CA ALA A 120 14.14 -19.56 -9.70
C ALA A 120 12.80 -19.15 -10.35
N PRO A 121 11.87 -18.64 -9.58
CA PRO A 121 10.67 -18.11 -10.21
C PRO A 121 10.92 -17.03 -11.30
N ILE A 122 11.93 -16.15 -11.12
CA ILE A 122 12.23 -15.18 -12.16
C ILE A 122 12.63 -15.96 -13.39
N ALA A 123 13.54 -16.93 -13.23
CA ALA A 123 13.99 -17.71 -14.38
C ALA A 123 12.86 -18.46 -15.08
N LEU A 124 11.95 -19.01 -14.32
CA LEU A 124 10.81 -19.80 -14.91
C LEU A 124 9.96 -18.81 -15.67
N THR A 125 9.67 -17.67 -15.03
CA THR A 125 8.79 -16.62 -15.63
C THR A 125 9.43 -16.10 -16.93
N LYS A 126 10.74 -15.84 -16.92
CA LYS A 126 11.41 -15.46 -18.16
C LYS A 126 11.14 -16.49 -19.30
N ALA A 127 11.37 -17.74 -18.99
CA ALA A 127 11.19 -18.86 -19.98
C ALA A 127 9.77 -18.90 -20.51
N VAL A 128 8.80 -18.78 -19.63
CA VAL A 128 7.41 -18.83 -20.08
C VAL A 128 7.13 -17.62 -20.92
N VAL A 129 7.44 -16.41 -20.46
CA VAL A 129 7.15 -15.22 -21.21
C VAL A 129 7.81 -15.24 -22.58
N LYS A 130 9.07 -15.63 -22.63
CA LYS A 130 9.74 -15.72 -23.93
C LYS A 130 8.99 -16.62 -24.86
N ALA A 131 8.48 -17.69 -24.34
CA ALA A 131 7.79 -18.72 -25.16
C ALA A 131 6.41 -18.39 -25.59
N ILE A 132 5.67 -17.58 -24.82
CA ILE A 132 4.29 -17.31 -25.17
C ILE A 132 3.88 -15.89 -25.46
N SER A 133 4.75 -14.94 -25.25
N SER A 133 4.71 -14.91 -25.20
CA SER A 133 4.46 -13.49 -25.42
CA SER A 133 4.33 -13.47 -25.33
C SER A 133 3.80 -13.11 -26.74
C SER A 133 3.77 -13.10 -26.73
N ASP A 134 4.27 -13.74 -27.81
CA ASP A 134 3.77 -13.46 -29.14
C ASP A 134 2.80 -14.45 -29.69
N LYS A 135 2.35 -15.42 -28.88
CA LYS A 135 1.28 -16.37 -29.35
C LYS A 135 -0.02 -15.63 -29.38
N PRO A 136 -0.76 -15.77 -30.46
CA PRO A 136 -2.07 -15.16 -30.44
C PRO A 136 -3.05 -15.84 -29.43
N ARG A 137 -3.92 -15.05 -28.81
CA ARG A 137 -4.75 -15.47 -27.68
C ARG A 137 -6.11 -14.84 -27.84
N GLN A 138 -7.19 -15.58 -27.55
CA GLN A 138 -8.56 -14.98 -27.47
C GLN A 138 -8.77 -14.30 -26.13
N THR A 139 -8.15 -14.85 -25.07
CA THR A 139 -8.38 -14.32 -23.73
C THR A 139 -7.01 -14.40 -23.12
N PRO A 140 -6.81 -13.71 -22.04
CA PRO A 140 -5.44 -13.67 -21.51
C PRO A 140 -4.85 -14.98 -20.89
N ALA A 141 -3.51 -15.10 -21.02
CA ALA A 141 -2.80 -16.09 -20.26
C ALA A 141 -2.65 -15.55 -18.86
N HIS A 142 -2.38 -16.45 -17.90
CA HIS A 142 -2.21 -16.02 -16.49
C HIS A 142 -0.92 -16.48 -15.90
N ILE A 143 -0.24 -15.54 -15.23
CA ILE A 143 0.88 -15.85 -14.39
C ILE A 143 0.45 -15.43 -12.97
N ILE A 144 0.52 -16.36 -12.08
CA ILE A 144 0.01 -16.15 -10.65
C ILE A 144 1.10 -16.63 -9.68
N PHE A 145 1.58 -15.73 -8.83
CA PHE A 145 2.54 -16.09 -7.82
C PHE A 145 1.80 -16.22 -6.48
N ILE A 146 2.25 -17.22 -5.72
CA ILE A 146 1.77 -17.38 -4.36
C ILE A 146 2.77 -16.63 -3.43
N SER A 147 2.26 -15.63 -2.72
CA SER A 147 3.07 -14.77 -1.87
C SER A 147 2.68 -15.10 -0.43
N THR A 148 2.60 -14.11 0.42
CA THR A 148 2.39 -14.27 1.87
C THR A 148 2.03 -12.92 2.47
N GLY A 149 1.19 -12.99 3.47
CA GLY A 149 0.92 -11.75 4.16
C GLY A 149 2.12 -11.03 4.69
N LEU A 150 3.12 -11.83 5.03
CA LEU A 150 4.36 -11.23 5.51
C LEU A 150 5.14 -10.43 4.56
N SER A 151 4.75 -10.40 3.28
CA SER A 151 5.42 -9.58 2.32
C SER A 151 4.90 -8.15 2.34
N LYS A 152 3.76 -7.93 3.06
CA LYS A 152 3.13 -6.64 3.13
C LYS A 152 3.07 -6.06 4.54
N ARG A 153 3.16 -6.92 5.55
CA ARG A 153 3.07 -6.49 7.01
C ARG A 153 4.19 -7.23 7.67
N GLY A 154 5.18 -6.47 8.18
CA GLY A 154 6.30 -7.06 8.80
C GLY A 154 6.10 -7.86 10.06
N ALA A 155 6.94 -8.83 10.27
CA ALA A 155 6.97 -9.62 11.49
C ALA A 155 8.38 -9.98 11.86
N PRO A 156 8.63 -10.19 13.18
CA PRO A 156 9.97 -10.65 13.53
C PRO A 156 10.28 -12.03 13.05
N MET A 157 11.56 -12.24 12.81
CA MET A 157 12.12 -13.57 12.64
C MET A 157 11.87 -14.15 11.20
N VAL A 158 11.43 -13.26 10.34
CA VAL A 158 11.08 -13.69 8.97
C VAL A 158 11.73 -12.79 7.89
N GLY A 159 12.91 -12.19 8.17
CA GLY A 159 13.49 -11.17 7.29
C GLY A 159 13.66 -11.63 5.88
N VAL A 160 14.37 -12.72 5.71
CA VAL A 160 14.69 -13.08 4.33
C VAL A 160 13.43 -13.71 3.70
N TYR A 161 12.60 -14.40 4.43
CA TYR A 161 11.34 -14.97 3.85
C TYR A 161 10.51 -13.83 3.30
N SER A 162 10.31 -12.84 4.11
CA SER A 162 9.60 -11.60 3.69
C SER A 162 10.23 -10.88 2.51
N ALA A 163 11.54 -10.77 2.48
CA ALA A 163 12.23 -10.10 1.39
C ALA A 163 11.98 -10.92 0.05
N SER A 164 12.07 -12.23 0.13
CA SER A 164 11.90 -13.10 -1.07
C SER A 164 10.53 -12.89 -1.65
N LYS A 165 9.54 -12.82 -0.80
CA LYS A 165 8.15 -12.78 -1.31
C LYS A 165 7.70 -11.38 -1.66
N ALA A 166 8.22 -10.39 -0.96
CA ALA A 166 8.04 -9.01 -1.41
C ALA A 166 8.67 -8.77 -2.79
N GLY A 167 9.82 -9.43 -3.01
CA GLY A 167 10.45 -9.32 -4.35
C GLY A 167 9.52 -9.89 -5.42
N ILE A 168 8.84 -11.00 -5.12
CA ILE A 168 7.86 -11.57 -6.06
C ILE A 168 6.78 -10.57 -6.29
N ASP A 169 6.28 -9.92 -5.22
CA ASP A 169 5.26 -8.90 -5.44
C ASP A 169 5.71 -7.76 -6.43
N GLY A 170 6.99 -7.20 -6.29
CA GLY A 170 7.51 -6.18 -7.12
C GLY A 170 7.63 -6.63 -8.53
N PHE A 171 8.07 -7.87 -8.65
CA PHE A 171 8.21 -8.52 -9.98
C PHE A 171 6.81 -8.57 -10.66
N MET A 172 5.85 -9.01 -9.92
CA MET A 172 4.46 -9.15 -10.41
C MET A 172 3.95 -7.80 -10.95
N ARG A 173 4.08 -6.74 -10.15
CA ARG A 173 3.55 -5.44 -10.54
C ARG A 173 4.22 -4.91 -11.88
N SER A 174 5.55 -5.02 -12.02
CA SER A 174 6.20 -4.63 -13.21
C SER A 174 5.83 -5.50 -14.39
N LEU A 175 5.79 -6.83 -14.20
CA LEU A 175 5.38 -7.77 -15.28
C LEU A 175 3.96 -7.47 -15.71
N ALA A 176 3.06 -7.14 -14.78
CA ALA A 176 1.71 -6.85 -15.18
C ALA A 176 1.71 -5.62 -16.18
N ARG A 177 2.46 -4.58 -15.88
CA ARG A 177 2.62 -3.40 -16.77
C ARG A 177 3.26 -3.77 -18.13
N GLU A 178 4.25 -4.65 -18.10
CA GLU A 178 4.98 -4.99 -19.30
C GLU A 178 4.12 -5.91 -20.17
N LEU A 179 3.37 -6.82 -19.57
CA LEU A 179 2.75 -7.93 -20.31
C LEU A 179 1.30 -7.78 -20.57
N GLY A 180 0.65 -6.79 -19.96
CA GLY A 180 -0.82 -6.57 -20.22
C GLY A 180 -1.05 -6.39 -21.74
N PRO A 181 -0.22 -5.57 -22.41
CA PRO A 181 -0.47 -5.34 -23.89
C PRO A 181 -0.20 -6.61 -24.75
N LYS A 182 0.44 -7.63 -24.21
CA LYS A 182 0.59 -8.91 -24.79
C LYS A 182 -0.45 -9.95 -24.46
N GLY A 183 -1.50 -9.59 -23.72
CA GLY A 183 -2.47 -10.57 -23.31
C GLY A 183 -2.04 -11.56 -22.19
N ILE A 184 -1.13 -11.13 -21.28
CA ILE A 184 -0.75 -11.97 -20.12
C ILE A 184 -1.07 -11.10 -18.89
N ASN A 185 -1.92 -11.61 -18.03
CA ASN A 185 -2.27 -10.95 -16.74
C ASN A 185 -1.45 -11.67 -15.64
N VAL A 186 -1.02 -10.90 -14.67
CA VAL A 186 -0.01 -11.29 -13.69
C VAL A 186 -0.48 -10.76 -12.31
N ASN A 187 -0.63 -11.65 -11.38
CA ASN A 187 -1.15 -11.32 -10.02
C ASN A 187 -0.48 -12.19 -8.98
N CYS A 188 -0.70 -11.80 -7.74
CA CYS A 188 -0.35 -12.60 -6.64
C CYS A 188 -1.56 -13.08 -5.85
N VAL A 189 -1.48 -14.25 -5.23
CA VAL A 189 -2.41 -14.63 -4.19
C VAL A 189 -1.56 -14.72 -2.95
N SER A 190 -2.06 -14.09 -1.86
CA SER A 190 -1.32 -13.99 -0.60
C SER A 190 -2.00 -14.72 0.59
N PRO A 191 -1.57 -15.95 0.90
CA PRO A 191 -2.12 -16.67 1.98
C PRO A 191 -1.66 -16.12 3.32
N GLY A 192 -2.52 -16.28 4.27
CA GLY A 192 -2.11 -16.19 5.70
C GLY A 192 -1.76 -17.57 6.24
N VAL A 193 -2.00 -17.80 7.55
CA VAL A 193 -1.59 -19.04 8.18
C VAL A 193 -2.53 -20.15 7.77
N THR A 194 -2.00 -21.03 6.94
CA THR A 194 -2.76 -22.10 6.29
C THR A 194 -2.33 -23.44 6.87
N ARG A 195 -3.22 -24.40 6.89
CA ARG A 195 -3.01 -25.73 7.46
C ARG A 195 -2.12 -26.59 6.51
N THR A 196 -0.86 -26.26 6.45
CA THR A 196 0.10 -27.06 5.79
C THR A 196 1.35 -27.41 6.57
N SER A 197 2.26 -28.17 5.92
CA SER A 197 3.50 -28.49 6.61
C SER A 197 4.32 -27.25 7.02
N MET A 198 4.24 -26.15 6.27
CA MET A 198 4.93 -24.86 6.62
C MET A 198 4.53 -24.26 7.95
N ALA A 199 3.32 -24.55 8.38
CA ALA A 199 2.82 -23.98 9.62
C ALA A 199 2.93 -25.00 10.81
N GLU A 200 3.75 -26.04 10.66
CA GLU A 200 4.08 -26.85 11.85
C GLU A 200 4.93 -25.98 12.80
N GLY A 201 4.51 -25.96 14.01
CA GLY A 201 5.26 -25.11 14.98
C GLY A 201 4.82 -23.64 14.99
N ILE A 202 3.90 -23.20 14.16
CA ILE A 202 3.34 -21.84 14.38
C ILE A 202 1.84 -22.05 14.49
N ASP A 203 1.11 -21.00 14.75
CA ASP A 203 -0.29 -21.23 15.09
C ASP A 203 -0.96 -19.88 14.80
N PRO A 204 -2.18 -19.94 14.31
CA PRO A 204 -2.94 -18.66 14.04
C PRO A 204 -3.02 -17.73 15.24
N SER A 205 -3.04 -18.33 16.40
CA SER A 205 -3.03 -17.49 17.61
C SER A 205 -1.80 -16.59 17.86
N MET A 206 -0.65 -16.87 17.24
CA MET A 206 0.55 -16.02 17.38
C MET A 206 0.42 -14.73 16.63
N PHE A 207 -0.68 -14.60 15.89
CA PHE A 207 -0.93 -13.47 15.14
C PHE A 207 -2.24 -12.87 15.64
N ASP A 208 -2.40 -11.68 15.19
CA ASP A 208 -3.37 -10.81 15.78
C ASP A 208 -4.43 -10.83 14.77
N LEU A 209 -5.28 -11.92 14.78
CA LEU A 209 -6.15 -12.10 13.55
C LEU A 209 -7.63 -11.75 13.75
N PRO A 210 -8.20 -11.03 12.78
CA PRO A 210 -9.62 -10.78 12.85
C PRO A 210 -10.43 -12.03 12.82
N ILE A 211 -9.97 -13.02 12.06
CA ILE A 211 -10.59 -14.30 11.99
C ILE A 211 -9.67 -15.35 12.60
N ASN A 212 -9.96 -15.76 13.81
CA ASN A 212 -8.99 -16.50 14.60
C ASN A 212 -9.13 -17.98 14.40
N GLY A 213 -8.48 -18.47 13.39
CA GLY A 213 -8.39 -19.92 13.15
C GLY A 213 -7.52 -20.19 11.91
N TRP A 214 -7.52 -21.44 11.48
CA TRP A 214 -6.68 -21.88 10.39
C TRP A 214 -7.41 -21.57 9.08
N ILE A 215 -6.64 -21.30 8.05
CA ILE A 215 -7.18 -21.25 6.68
C ILE A 215 -6.90 -22.59 6.03
N GLU A 216 -7.92 -23.16 5.37
CA GLU A 216 -7.73 -24.43 4.63
C GLU A 216 -7.15 -24.15 3.24
N VAL A 217 -6.42 -25.12 2.66
CA VAL A 217 -5.80 -24.94 1.40
C VAL A 217 -6.82 -24.67 0.30
N ASP A 218 -8.03 -25.18 0.48
CA ASP A 218 -9.16 -24.88 -0.47
C ASP A 218 -9.39 -23.40 -0.71
N ALA A 219 -9.29 -22.56 0.36
CA ALA A 219 -9.51 -21.21 0.23
C ALA A 219 -8.48 -20.48 -0.63
N ILE A 220 -7.21 -20.92 -0.53
CA ILE A 220 -6.21 -20.39 -1.40
C ILE A 220 -6.46 -20.74 -2.91
N ALA A 221 -6.73 -22.00 -3.10
CA ALA A 221 -7.03 -22.49 -4.43
C ALA A 221 -8.22 -21.74 -5.04
N ASP A 222 -9.23 -21.46 -4.22
CA ASP A 222 -10.39 -20.71 -4.72
C ASP A 222 -10.04 -19.36 -5.29
N ALA A 223 -9.07 -18.66 -4.69
CA ALA A 223 -8.62 -17.38 -5.22
C ALA A 223 -7.87 -17.55 -6.56
N VAL A 224 -7.07 -18.60 -6.66
CA VAL A 224 -6.32 -18.87 -7.89
C VAL A 224 -7.35 -19.16 -9.02
N THR A 225 -8.38 -19.92 -8.67
CA THR A 225 -9.43 -20.30 -9.65
C THR A 225 -10.13 -19.04 -10.15
N TYR A 226 -10.57 -18.18 -9.21
CA TYR A 226 -11.17 -16.90 -9.55
C TYR A 226 -10.26 -16.13 -10.54
N LEU A 227 -8.96 -15.98 -10.23
CA LEU A 227 -8.07 -15.23 -11.10
C LEU A 227 -7.94 -15.87 -12.49
N VAL A 228 -7.78 -17.18 -12.56
N VAL A 228 -7.82 -17.20 -12.55
CA VAL A 228 -7.56 -17.83 -13.87
CA VAL A 228 -7.60 -17.83 -13.86
C VAL A 228 -8.78 -17.64 -14.75
C VAL A 228 -8.79 -17.62 -14.76
N LYS A 229 -9.97 -17.51 -14.14
CA LYS A 229 -11.23 -17.31 -14.96
C LYS A 229 -11.44 -15.82 -15.29
N SER A 230 -10.66 -14.94 -14.64
CA SER A 230 -10.80 -13.52 -14.83
C SER A 230 -10.08 -12.98 -16.08
N LYS A 231 -10.51 -11.83 -16.61
N LYS A 231 -10.52 -11.81 -16.58
CA LYS A 231 -9.70 -11.20 -17.67
CA LYS A 231 -9.84 -11.18 -17.71
C LYS A 231 -9.33 -9.71 -17.50
C LYS A 231 -9.36 -9.71 -17.50
N ASN A 232 -9.82 -9.06 -16.43
CA ASN A 232 -9.63 -7.66 -16.19
C ASN A 232 -8.87 -7.39 -14.86
N VAL A 233 -8.23 -8.45 -14.34
CA VAL A 233 -7.48 -8.32 -13.09
C VAL A 233 -6.01 -8.52 -13.36
N THR A 234 -5.22 -7.49 -13.15
CA THR A 234 -3.79 -7.64 -13.35
C THR A 234 -3.08 -6.62 -12.44
N GLY A 235 -1.91 -7.05 -11.96
CA GLY A 235 -1.15 -6.18 -11.11
C GLY A 235 -1.54 -6.12 -9.65
N THR A 236 -2.33 -7.08 -9.23
CA THR A 236 -2.91 -7.08 -7.92
C THR A 236 -2.54 -8.24 -7.10
N THR A 237 -2.81 -8.08 -5.80
CA THR A 237 -2.83 -9.19 -4.85
C THR A 237 -4.22 -9.51 -4.38
N VAL A 238 -4.58 -10.74 -4.40
CA VAL A 238 -5.79 -11.23 -3.71
C VAL A 238 -5.32 -11.86 -2.41
N SER A 239 -5.68 -11.20 -1.29
CA SER A 239 -5.23 -11.64 0.03
C SER A 239 -6.26 -12.59 0.67
N VAL A 240 -5.87 -13.75 1.05
CA VAL A 240 -6.68 -14.79 1.71
C VAL A 240 -5.96 -15.12 3.00
N ASP A 241 -6.17 -14.21 3.98
CA ASP A 241 -5.31 -14.22 5.14
C ASP A 241 -6.00 -14.08 6.48
N ASN A 242 -7.26 -14.24 6.54
CA ASN A 242 -8.02 -14.09 7.76
C ASN A 242 -7.85 -12.76 8.40
N GLY A 243 -7.58 -11.77 7.62
CA GLY A 243 -7.37 -10.37 8.07
C GLY A 243 -6.04 -10.02 8.58
N TYR A 244 -5.03 -10.84 8.33
CA TYR A 244 -3.69 -10.49 8.80
C TYR A 244 -3.21 -9.11 8.37
N CYS A 245 -3.43 -8.75 7.12
CA CYS A 245 -2.87 -7.54 6.57
C CYS A 245 -3.88 -6.46 6.77
N ALA A 246 -5.02 -6.64 7.41
CA ALA A 246 -5.94 -5.52 7.56
C ALA A 246 -5.38 -4.31 8.39
N PRO B 7 -34.13 -21.88 2.11
CA PRO B 7 -32.89 -21.44 2.71
C PRO B 7 -32.32 -20.27 1.88
N SER B 8 -33.13 -19.25 1.49
CA SER B 8 -32.58 -18.15 0.65
C SER B 8 -32.16 -17.02 1.59
N LEU B 9 -30.87 -16.75 1.61
CA LEU B 9 -30.30 -15.66 2.34
C LEU B 9 -30.60 -14.29 1.72
N ASN B 10 -30.73 -13.25 2.51
CA ASN B 10 -30.98 -11.94 1.98
C ASN B 10 -29.72 -11.14 1.76
N ALA B 11 -29.74 -10.46 0.64
CA ALA B 11 -28.68 -9.52 0.25
C ALA B 11 -29.25 -8.16 -0.07
N LEU B 12 -28.63 -7.15 0.51
CA LEU B 12 -28.97 -5.70 0.26
C LEU B 12 -27.94 -5.11 -0.69
N VAL B 13 -28.38 -4.52 -1.81
CA VAL B 13 -27.47 -3.97 -2.81
C VAL B 13 -27.93 -2.53 -3.05
N THR B 14 -27.21 -1.55 -2.58
CA THR B 14 -27.52 -0.15 -2.99
C THR B 14 -27.08 0.16 -4.41
N GLY B 15 -27.81 1.03 -5.08
CA GLY B 15 -27.50 1.28 -6.48
C GLY B 15 -27.79 0.09 -7.37
N GLY B 16 -28.82 -0.70 -7.05
CA GLY B 16 -29.12 -1.89 -7.80
C GLY B 16 -29.93 -1.61 -9.06
N SER B 17 -30.20 -0.33 -9.43
CA SER B 17 -31.13 -0.02 -10.50
C SER B 17 -30.43 -0.08 -11.88
N ARG B 18 -29.09 -0.03 -11.91
CA ARG B 18 -28.35 0.07 -13.17
C ARG B 18 -26.91 -0.20 -12.89
N GLY B 19 -26.18 -0.35 -13.95
CA GLY B 19 -24.72 -0.38 -13.92
C GLY B 19 -24.21 -1.58 -13.12
N ILE B 20 -23.14 -1.31 -12.37
CA ILE B 20 -22.52 -2.40 -11.63
C ILE B 20 -23.44 -3.05 -10.62
N GLY B 21 -24.21 -2.21 -9.95
CA GLY B 21 -25.14 -2.71 -8.98
C GLY B 21 -26.20 -3.64 -9.51
N GLU B 22 -26.67 -3.34 -10.72
CA GLU B 22 -27.61 -4.28 -11.40
C GLU B 22 -26.92 -5.61 -11.68
N ALA B 23 -25.66 -5.56 -12.20
CA ALA B 23 -24.99 -6.77 -12.45
C ALA B 23 -24.76 -7.62 -11.20
N ILE B 24 -24.40 -6.97 -10.11
CA ILE B 24 -24.17 -7.67 -8.84
C ILE B 24 -25.50 -8.33 -8.40
N SER B 25 -26.61 -7.56 -8.46
CA SER B 25 -27.89 -8.07 -8.07
C SER B 25 -28.33 -9.27 -8.94
N MET B 26 -28.08 -9.19 -10.25
CA MET B 26 -28.36 -10.30 -11.09
C MET B 26 -27.59 -11.56 -10.74
N GLN B 27 -26.28 -11.42 -10.49
CA GLN B 27 -25.48 -12.58 -10.11
C GLN B 27 -25.88 -13.19 -8.78
N LEU B 28 -26.12 -12.33 -7.75
CA LEU B 28 -26.52 -12.85 -6.50
C LEU B 28 -27.88 -13.56 -6.62
N ALA B 29 -28.77 -13.02 -7.43
CA ALA B 29 -30.07 -13.65 -7.64
C ALA B 29 -29.93 -15.02 -8.32
N ALA B 30 -29.06 -15.11 -9.35
CA ALA B 30 -28.81 -16.44 -9.96
C ALA B 30 -28.18 -17.46 -9.03
N GLU B 31 -27.52 -16.95 -7.98
CA GLU B 31 -26.89 -17.78 -6.94
C GLU B 31 -27.86 -18.14 -5.76
N GLY B 32 -29.11 -17.66 -5.84
CA GLY B 32 -30.08 -18.02 -4.89
C GLY B 32 -30.38 -17.04 -3.74
N TYR B 33 -29.76 -15.86 -3.78
CA TYR B 33 -30.03 -14.84 -2.78
C TYR B 33 -31.32 -14.14 -3.06
N SER B 34 -32.03 -13.83 -1.99
CA SER B 34 -33.11 -12.91 -2.09
C SER B 34 -32.53 -11.50 -2.06
N VAL B 35 -32.68 -10.72 -3.11
CA VAL B 35 -32.04 -9.43 -3.25
C VAL B 35 -32.97 -8.24 -3.05
N THR B 36 -32.59 -7.41 -2.08
CA THR B 36 -33.22 -6.09 -1.95
C THR B 36 -32.36 -5.08 -2.66
N ILE B 37 -32.88 -4.42 -3.70
CA ILE B 37 -32.21 -3.36 -4.42
C ILE B 37 -32.71 -1.97 -4.00
N ALA B 38 -31.84 -1.09 -3.71
CA ALA B 38 -32.12 0.20 -3.10
C ALA B 38 -31.47 1.34 -3.87
N SER B 39 -32.24 2.35 -4.22
CA SER B 39 -31.77 3.56 -4.83
C SER B 39 -32.97 4.52 -4.98
N ARG B 40 -32.83 5.59 -5.76
CA ARG B 40 -33.87 6.62 -5.88
C ARG B 40 -34.92 6.31 -6.86
N GLY B 41 -34.55 5.67 -7.96
CA GLY B 41 -35.47 5.53 -9.09
C GLY B 41 -36.38 4.32 -8.91
N LEU B 42 -37.60 4.52 -8.42
CA LEU B 42 -38.42 3.43 -7.98
C LEU B 42 -38.88 2.59 -9.20
N GLU B 43 -39.30 3.26 -10.32
CA GLU B 43 -39.81 2.54 -11.43
C GLU B 43 -38.69 1.67 -12.03
N GLN B 44 -37.49 2.25 -12.06
CA GLN B 44 -36.34 1.50 -12.54
C GLN B 44 -35.99 0.29 -11.64
N LEU B 45 -36.03 0.49 -10.34
CA LEU B 45 -35.92 -0.60 -9.45
C LEU B 45 -36.94 -1.70 -9.65
N GLU B 46 -38.23 -1.34 -9.77
CA GLU B 46 -39.23 -2.32 -10.06
C GLU B 46 -38.98 -3.08 -11.37
N ALA B 47 -38.38 -2.40 -12.39
CA ALA B 47 -38.11 -3.09 -13.62
C ALA B 47 -36.99 -4.11 -13.46
N VAL B 48 -35.91 -3.73 -12.77
CA VAL B 48 -34.87 -4.62 -12.48
C VAL B 48 -35.35 -5.79 -11.60
N LYS B 49 -36.17 -5.52 -10.59
CA LYS B 49 -36.64 -6.59 -9.68
C LYS B 49 -37.41 -7.65 -10.48
N ALA B 50 -38.25 -7.16 -11.42
CA ALA B 50 -39.04 -8.05 -12.25
C ALA B 50 -38.19 -9.00 -13.11
N LYS B 51 -36.94 -8.60 -13.40
N LYS B 51 -36.93 -8.65 -13.38
CA LYS B 51 -35.99 -9.31 -14.29
CA LYS B 51 -36.05 -9.44 -14.25
C LYS B 51 -35.00 -10.20 -13.48
C LYS B 51 -35.01 -10.24 -13.46
N LEU B 52 -34.87 -9.98 -12.16
CA LEU B 52 -33.98 -10.81 -11.32
C LEU B 52 -34.44 -12.27 -11.32
N PRO B 53 -33.50 -13.18 -11.63
CA PRO B 53 -33.88 -14.61 -11.67
C PRO B 53 -34.39 -15.19 -10.34
N ILE B 54 -35.29 -16.09 -10.42
CA ILE B 54 -35.83 -16.84 -9.30
C ILE B 54 -35.43 -18.27 -9.59
N VAL B 55 -34.46 -18.74 -8.83
CA VAL B 55 -33.94 -20.06 -8.99
C VAL B 55 -34.27 -21.16 -7.92
N LYS B 56 -34.99 -20.85 -6.86
CA LYS B 56 -34.98 -21.60 -5.56
C LYS B 56 -36.42 -21.24 -5.09
N GLN B 57 -37.15 -22.20 -4.53
CA GLN B 57 -38.32 -22.00 -3.64
C GLN B 57 -37.87 -21.12 -2.45
N GLY B 58 -38.75 -20.22 -2.02
CA GLY B 58 -38.44 -19.32 -0.95
C GLY B 58 -37.68 -18.05 -1.29
N GLN B 59 -37.22 -17.88 -2.48
CA GLN B 59 -36.46 -16.72 -2.86
C GLN B 59 -37.42 -15.64 -3.33
N THR B 60 -37.28 -14.48 -2.72
CA THR B 60 -38.05 -13.33 -2.97
C THR B 60 -37.18 -12.12 -3.14
N HIS B 61 -37.45 -11.25 -4.11
CA HIS B 61 -36.70 -9.99 -4.27
C HIS B 61 -37.52 -8.80 -3.84
N HIS B 62 -36.87 -7.72 -3.53
CA HIS B 62 -37.54 -6.57 -2.95
C HIS B 62 -36.90 -5.25 -3.49
N VAL B 63 -37.64 -4.19 -3.49
CA VAL B 63 -37.17 -2.82 -3.80
C VAL B 63 -37.29 -1.93 -2.56
N TRP B 64 -36.34 -1.01 -2.45
CA TRP B 64 -36.32 0.01 -1.42
C TRP B 64 -35.99 1.35 -2.10
N GLN B 65 -36.94 2.30 -2.04
CA GLN B 65 -36.64 3.61 -2.48
C GLN B 65 -35.91 4.39 -1.40
N LEU B 66 -34.64 4.75 -1.68
CA LEU B 66 -33.72 5.30 -0.70
C LEU B 66 -32.86 6.27 -1.39
N ASP B 67 -32.86 7.52 -0.89
CA ASP B 67 -31.93 8.55 -1.37
C ASP B 67 -30.86 8.64 -0.34
N LEU B 68 -29.65 8.31 -0.73
CA LEU B 68 -28.50 8.34 0.18
C LEU B 68 -27.98 9.72 0.45
N SER B 69 -28.60 10.76 -0.17
CA SER B 69 -28.31 12.09 0.28
CA SER B 69 -28.44 12.13 0.26
C SER B 69 -28.98 12.37 1.67
N ASP B 70 -29.87 11.49 2.10
CA ASP B 70 -30.55 11.63 3.35
C ASP B 70 -29.98 10.58 4.34
N VAL B 71 -29.02 11.05 5.10
CA VAL B 71 -28.33 10.18 6.07
C VAL B 71 -29.22 9.60 7.14
N GLU B 72 -30.16 10.40 7.61
CA GLU B 72 -31.08 9.95 8.63
C GLU B 72 -31.97 8.81 8.11
N ALA B 73 -32.43 8.94 6.86
CA ALA B 73 -33.20 7.85 6.21
C ALA B 73 -32.40 6.55 6.08
N ALA B 74 -31.18 6.69 5.66
CA ALA B 74 -30.36 5.55 5.51
C ALA B 74 -30.12 4.82 6.86
N GLY B 75 -29.75 5.60 7.87
CA GLY B 75 -29.41 5.03 9.16
C GLY B 75 -30.59 4.47 9.90
N SER B 76 -31.77 4.91 9.56
CA SER B 76 -32.97 4.42 10.20
C SER B 76 -33.74 3.33 9.38
N PHE B 77 -33.20 2.93 8.25
CA PHE B 77 -33.89 2.01 7.39
C PHE B 77 -35.27 2.53 7.03
N LYS B 78 -35.34 3.81 6.73
CA LYS B 78 -36.67 4.40 6.50
C LYS B 78 -37.24 3.87 5.21
N GLY B 79 -38.44 3.29 5.25
CA GLY B 79 -39.06 2.76 4.05
C GLY B 79 -38.55 1.44 3.57
N ALA B 80 -37.70 0.78 4.38
CA ALA B 80 -37.10 -0.47 3.91
C ALA B 80 -38.13 -1.59 3.97
N PRO B 81 -38.09 -2.51 3.00
CA PRO B 81 -39.02 -3.59 2.98
C PRO B 81 -38.80 -4.65 4.02
N LEU B 82 -37.57 -4.84 4.43
CA LEU B 82 -37.19 -5.80 5.43
C LEU B 82 -36.38 -5.11 6.55
N PRO B 83 -36.49 -5.65 7.77
CA PRO B 83 -35.64 -5.16 8.87
C PRO B 83 -34.16 -5.35 8.56
N ALA B 84 -33.30 -4.49 9.09
CA ALA B 84 -31.84 -4.61 8.89
C ALA B 84 -31.32 -5.94 9.36
N SER B 85 -31.94 -6.50 10.40
CA SER B 85 -31.56 -7.82 10.92
C SER B 85 -31.73 -8.98 9.95
N SER B 86 -32.44 -8.81 8.84
CA SER B 86 -32.64 -9.88 7.88
C SER B 86 -31.47 -10.17 7.01
N TYR B 87 -30.50 -9.25 6.96
CA TYR B 87 -29.42 -9.31 5.91
C TYR B 87 -28.21 -10.11 6.27
N ASP B 88 -27.82 -11.01 5.37
CA ASP B 88 -26.53 -11.74 5.42
C ASP B 88 -25.46 -11.15 4.57
N VAL B 89 -25.81 -10.34 3.57
CA VAL B 89 -24.91 -9.73 2.64
C VAL B 89 -25.36 -8.28 2.43
N PHE B 90 -24.47 -7.35 2.56
CA PHE B 90 -24.72 -5.92 2.30
C PHE B 90 -23.64 -5.49 1.31
N VAL B 91 -24.02 -5.07 0.08
CA VAL B 91 -23.10 -4.52 -0.89
C VAL B 91 -23.48 -3.03 -1.03
N SER B 92 -22.54 -2.19 -0.57
CA SER B 92 -22.60 -0.76 -0.67
C SER B 92 -22.02 -0.33 -1.99
N ASN B 93 -22.89 -0.23 -3.02
CA ASN B 93 -22.47 0.08 -4.38
C ASN B 93 -22.83 1.44 -4.93
N ALA B 94 -23.98 1.99 -4.48
CA ALA B 94 -24.35 3.25 -5.00
C ALA B 94 -23.26 4.31 -4.85
N GLY B 95 -23.20 5.19 -5.81
CA GLY B 95 -22.27 6.26 -5.74
C GLY B 95 -22.37 7.23 -6.87
N ILE B 96 -21.74 8.36 -6.62
CA ILE B 96 -21.61 9.49 -7.51
CA ILE B 96 -21.59 9.52 -7.46
C ILE B 96 -20.16 9.87 -7.77
N SER B 97 -19.84 10.11 -9.02
CA SER B 97 -18.52 10.70 -9.38
C SER B 97 -18.67 12.10 -10.06
N GLN B 98 -17.73 12.98 -9.79
CA GLN B 98 -17.70 14.38 -10.26
C GLN B 98 -16.26 14.70 -10.47
N PHE B 99 -16.00 15.23 -11.65
CA PHE B 99 -14.72 15.63 -12.20
C PHE B 99 -14.67 17.14 -12.18
N SER B 100 -13.71 17.70 -11.47
CA SER B 100 -13.52 19.16 -11.43
C SER B 100 -12.18 19.49 -10.83
N PRO B 101 -11.56 20.59 -11.28
CA PRO B 101 -10.46 21.17 -10.49
C PRO B 101 -10.98 21.44 -9.10
N ILE B 102 -10.19 21.22 -8.07
CA ILE B 102 -10.76 21.47 -6.74
C ILE B 102 -11.20 22.96 -6.53
N ALA B 103 -10.46 23.92 -7.12
CA ALA B 103 -10.71 25.33 -6.95
C ALA B 103 -12.12 25.70 -7.52
N GLU B 104 -12.62 24.91 -8.45
CA GLU B 104 -13.86 25.27 -9.17
C GLU B 104 -14.99 24.28 -8.83
N HIS B 105 -14.80 23.42 -7.84
CA HIS B 105 -15.77 22.32 -7.58
C HIS B 105 -16.88 22.87 -6.68
N ALA B 106 -18.07 23.00 -7.27
CA ALA B 106 -19.17 23.60 -6.53
C ALA B 106 -19.46 22.91 -5.21
N ASP B 107 -19.60 23.68 -4.15
CA ASP B 107 -19.79 23.12 -2.85
C ASP B 107 -20.97 22.23 -2.66
N ALA B 108 -22.14 22.58 -3.23
CA ALA B 108 -23.28 21.73 -3.09
C ALA B 108 -23.00 20.38 -3.74
N ASP B 109 -22.24 20.40 -4.86
CA ASP B 109 -21.95 19.16 -5.58
C ASP B 109 -21.02 18.25 -4.76
N TRP B 110 -19.85 18.82 -4.34
CA TRP B 110 -18.88 17.93 -3.67
C TRP B 110 -19.39 17.46 -2.31
N GLN B 111 -20.17 18.30 -1.64
CA GLN B 111 -20.73 17.90 -0.40
C GLN B 111 -21.76 16.81 -0.57
N ASN B 112 -22.55 16.91 -1.59
CA ASN B 112 -23.53 15.84 -1.80
C ASN B 112 -22.84 14.50 -2.20
N MET B 113 -21.81 14.61 -3.03
CA MET B 113 -21.01 13.41 -3.35
C MET B 113 -20.45 12.75 -2.09
N LEU B 114 -19.86 13.55 -1.22
CA LEU B 114 -19.30 12.99 -0.03
C LEU B 114 -20.35 12.30 0.85
N THR B 115 -21.54 12.92 0.89
CA THR B 115 -22.56 12.39 1.67
C THR B 115 -23.05 11.05 1.08
N VAL B 116 -23.28 10.98 -0.23
CA VAL B 116 -23.78 9.74 -0.84
C VAL B 116 -22.68 8.63 -0.83
N ASN B 117 -21.41 9.04 -1.05
CA ASN B 117 -20.35 8.07 -1.15
C ASN B 117 -19.81 7.52 0.17
N LEU B 118 -19.91 8.31 1.24
CA LEU B 118 -19.22 8.00 2.50
C LEU B 118 -20.12 8.13 3.76
N THR B 119 -20.80 9.29 3.94
CA THR B 119 -21.51 9.49 5.17
C THR B 119 -22.72 8.54 5.27
N ALA B 120 -23.50 8.44 4.19
CA ALA B 120 -24.65 7.56 4.20
C ALA B 120 -24.34 6.02 4.25
N PRO B 121 -23.26 5.57 3.54
CA PRO B 121 -22.84 4.20 3.77
C PRO B 121 -22.38 3.90 5.20
N ILE B 122 -21.78 4.91 5.88
CA ILE B 122 -21.42 4.72 7.27
C ILE B 122 -22.69 4.46 8.10
N ALA B 123 -23.69 5.26 7.84
CA ALA B 123 -25.00 5.13 8.56
C ALA B 123 -25.67 3.83 8.27
N LEU B 124 -25.66 3.41 7.00
CA LEU B 124 -26.22 2.11 6.70
C LEU B 124 -25.48 0.97 7.33
N THR B 125 -24.14 1.06 7.26
CA THR B 125 -23.36 0.03 7.86
C THR B 125 -23.66 -0.09 9.36
N LYS B 126 -23.67 1.05 10.03
CA LYS B 126 -23.99 1.08 11.45
C LYS B 126 -25.34 0.31 11.72
N ALA B 127 -26.39 0.61 10.90
CA ALA B 127 -27.71 -0.02 11.13
C ALA B 127 -27.64 -1.55 10.94
N VAL B 128 -26.91 -1.99 9.90
CA VAL B 128 -26.76 -3.39 9.64
C VAL B 128 -25.98 -4.09 10.74
N VAL B 129 -24.85 -3.48 11.15
CA VAL B 129 -23.98 -4.09 12.11
C VAL B 129 -24.75 -4.19 13.44
N LYS B 130 -25.44 -3.10 13.81
CA LYS B 130 -26.16 -3.15 15.08
C LYS B 130 -27.22 -4.33 15.06
N ALA B 131 -27.82 -4.54 13.90
CA ALA B 131 -28.86 -5.48 13.81
C ALA B 131 -28.44 -6.94 13.73
N ILE B 132 -27.25 -7.20 13.15
CA ILE B 132 -26.83 -8.53 12.93
C ILE B 132 -25.64 -8.99 13.74
N SER B 133 -24.99 -8.09 14.47
CA SER B 133 -23.73 -8.44 15.16
C SER B 133 -23.84 -9.63 16.03
N ASP B 134 -24.90 -9.71 16.81
CA ASP B 134 -25.09 -10.82 17.75
C ASP B 134 -25.92 -11.95 17.30
N LYS B 135 -26.27 -11.99 16.03
CA LYS B 135 -27.04 -13.09 15.47
C LYS B 135 -26.18 -14.30 15.27
N PRO B 136 -26.67 -15.51 15.59
CA PRO B 136 -25.84 -16.71 15.42
C PRO B 136 -25.63 -16.99 13.96
N ARG B 137 -24.45 -17.46 13.56
CA ARG B 137 -24.12 -17.67 12.12
C ARG B 137 -23.27 -18.90 11.97
N GLN B 138 -23.50 -19.75 10.92
CA GLN B 138 -22.59 -20.85 10.66
C GLN B 138 -21.39 -20.42 9.82
N THR B 139 -21.57 -19.42 8.99
CA THR B 139 -20.51 -18.93 8.13
C THR B 139 -20.64 -17.38 8.15
N PRO B 140 -19.61 -16.69 7.74
CA PRO B 140 -19.66 -15.20 7.92
C PRO B 140 -20.67 -14.48 7.09
N ALA B 141 -21.27 -13.43 7.67
CA ALA B 141 -21.90 -12.39 6.91
C ALA B 141 -20.88 -11.60 6.14
N HIS B 142 -21.28 -10.92 5.08
CA HIS B 142 -20.44 -10.15 4.32
C HIS B 142 -20.92 -8.74 4.12
N ILE B 143 -20.06 -7.79 4.37
CA ILE B 143 -20.14 -6.36 3.93
C ILE B 143 -19.10 -6.07 2.89
N ILE B 144 -19.56 -5.58 1.72
CA ILE B 144 -18.71 -5.34 0.59
C ILE B 144 -18.97 -3.89 0.12
N PHE B 145 -17.95 -3.05 0.07
CA PHE B 145 -18.02 -1.70 -0.47
C PHE B 145 -17.45 -1.70 -1.88
N ILE B 146 -18.09 -1.02 -2.83
CA ILE B 146 -17.57 -0.73 -4.15
C ILE B 146 -16.80 0.58 -4.08
N SER B 147 -15.46 0.47 -4.28
CA SER B 147 -14.60 1.60 -4.18
C SER B 147 -14.16 2.02 -5.60
N THR B 148 -12.86 2.29 -5.86
CA THR B 148 -12.43 2.74 -7.20
C THR B 148 -10.91 2.74 -7.16
N GLY B 149 -10.28 2.55 -8.27
CA GLY B 149 -8.85 2.65 -8.33
C GLY B 149 -8.36 3.99 -7.92
N LEU B 150 -9.15 5.03 -8.06
CA LEU B 150 -8.75 6.35 -7.71
C LEU B 150 -8.59 6.57 -6.18
N SER B 151 -9.02 5.60 -5.39
CA SER B 151 -8.86 5.69 -3.96
C SER B 151 -7.48 5.37 -3.53
N LYS B 152 -6.74 4.74 -4.41
CA LYS B 152 -5.42 4.20 -4.13
C LYS B 152 -4.30 4.82 -4.96
N ARG B 153 -4.57 5.38 -6.14
CA ARG B 153 -3.54 6.02 -7.04
C ARG B 153 -4.18 7.33 -7.45
N GLY B 154 -3.59 8.43 -7.07
CA GLY B 154 -4.16 9.75 -7.36
C GLY B 154 -4.26 10.09 -8.82
N ALA B 155 -5.26 10.90 -9.15
CA ALA B 155 -5.39 11.48 -10.48
C ALA B 155 -5.90 12.92 -10.34
N PRO B 156 -5.58 13.75 -11.29
CA PRO B 156 -6.11 15.15 -11.28
C PRO B 156 -7.63 15.20 -11.42
N MET B 157 -8.24 16.24 -10.81
CA MET B 157 -9.67 16.53 -11.05
C MET B 157 -10.68 15.63 -10.36
N VAL B 158 -10.22 14.77 -9.41
CA VAL B 158 -11.08 13.86 -8.71
C VAL B 158 -10.79 13.90 -7.21
N GLY B 159 -10.47 15.09 -6.71
CA GLY B 159 -10.07 15.17 -5.31
C GLY B 159 -11.07 14.69 -4.34
N VAL B 160 -12.28 15.26 -4.39
CA VAL B 160 -13.23 14.77 -3.43
C VAL B 160 -13.79 13.38 -3.65
N TYR B 161 -13.91 13.01 -4.94
CA TYR B 161 -14.33 11.69 -5.23
C TYR B 161 -13.34 10.62 -4.62
N SER B 162 -12.07 10.91 -4.83
CA SER B 162 -11.04 10.04 -4.30
C SER B 162 -11.08 10.02 -2.75
N ALA B 163 -11.21 11.22 -2.17
CA ALA B 163 -11.36 11.28 -0.74
C ALA B 163 -12.52 10.41 -0.22
N SER B 164 -13.72 10.53 -0.87
CA SER B 164 -14.85 9.80 -0.44
C SER B 164 -14.65 8.24 -0.42
N LYS B 165 -13.98 7.75 -1.50
CA LYS B 165 -13.73 6.36 -1.62
C LYS B 165 -12.56 5.81 -0.83
N ALA B 166 -11.57 6.65 -0.63
CA ALA B 166 -10.45 6.31 0.25
C ALA B 166 -10.98 6.22 1.69
N GLY B 167 -11.93 7.09 2.02
CA GLY B 167 -12.64 7.01 3.31
C GLY B 167 -13.32 5.67 3.53
N ILE B 168 -14.04 5.20 2.47
CA ILE B 168 -14.68 3.85 2.54
C ILE B 168 -13.60 2.78 2.76
N ASP B 169 -12.47 2.90 2.07
CA ASP B 169 -11.38 1.88 2.26
C ASP B 169 -10.91 1.84 3.73
N GLY B 170 -10.74 3.00 4.32
CA GLY B 170 -10.27 3.10 5.75
C GLY B 170 -11.29 2.53 6.71
N PHE B 171 -12.58 2.84 6.42
CA PHE B 171 -13.71 2.26 7.17
C PHE B 171 -13.70 0.75 7.14
N MET B 172 -13.53 0.25 5.88
CA MET B 172 -13.51 -1.14 5.63
C MET B 172 -12.43 -1.89 6.46
N ARG B 173 -11.21 -1.34 6.53
CA ARG B 173 -10.15 -2.02 7.21
C ARG B 173 -10.36 -2.08 8.71
N SER B 174 -10.86 -0.95 9.26
CA SER B 174 -11.22 -0.89 10.68
CA SER B 174 -11.19 -0.94 10.65
C SER B 174 -12.36 -1.84 11.04
N LEU B 175 -13.41 -1.83 10.25
CA LEU B 175 -14.54 -2.70 10.47
C LEU B 175 -14.14 -4.15 10.35
N ALA B 176 -13.23 -4.45 9.41
CA ALA B 176 -12.79 -5.85 9.31
C ALA B 176 -12.13 -6.38 10.60
N ARG B 177 -11.33 -5.50 11.22
CA ARG B 177 -10.76 -5.82 12.52
C ARG B 177 -11.77 -5.90 13.65
N GLU B 178 -12.69 -4.97 13.67
CA GLU B 178 -13.72 -4.93 14.69
C GLU B 178 -14.69 -6.14 14.66
N LEU B 179 -15.07 -6.52 13.44
CA LEU B 179 -16.17 -7.37 13.21
C LEU B 179 -15.80 -8.83 12.84
N GLY B 180 -14.52 -9.05 12.54
CA GLY B 180 -14.09 -10.40 12.30
C GLY B 180 -14.49 -11.42 13.39
N PRO B 181 -14.24 -11.05 14.70
CA PRO B 181 -14.65 -11.94 15.78
C PRO B 181 -16.16 -12.15 15.94
N LYS B 182 -16.97 -11.31 15.32
CA LYS B 182 -18.42 -11.41 15.30
C LYS B 182 -18.94 -12.21 14.11
N GLY B 183 -18.06 -12.75 13.28
CA GLY B 183 -18.50 -13.45 12.07
C GLY B 183 -19.02 -12.55 10.96
N ILE B 184 -18.42 -11.37 10.78
CA ILE B 184 -18.71 -10.49 9.66
C ILE B 184 -17.39 -10.20 8.97
N ASN B 185 -17.34 -10.50 7.66
CA ASN B 185 -16.13 -10.22 6.88
C ASN B 185 -16.43 -8.97 6.05
N VAL B 186 -15.43 -8.12 5.88
CA VAL B 186 -15.62 -6.78 5.32
C VAL B 186 -14.51 -6.50 4.30
N ASN B 187 -14.88 -6.15 3.04
CA ASN B 187 -13.90 -6.01 2.00
C ASN B 187 -14.37 -4.92 1.00
N CYS B 188 -13.51 -4.48 0.13
CA CYS B 188 -13.84 -3.62 -0.99
C CYS B 188 -13.60 -4.35 -2.29
N VAL B 189 -14.40 -4.04 -3.28
CA VAL B 189 -14.06 -4.32 -4.67
C VAL B 189 -13.84 -2.99 -5.35
N SER B 190 -12.73 -2.87 -6.09
CA SER B 190 -12.29 -1.65 -6.69
C SER B 190 -12.33 -1.71 -8.18
N PRO B 191 -13.37 -1.18 -8.77
CA PRO B 191 -13.35 -1.14 -10.25
C PRO B 191 -12.47 -0.11 -10.90
N GLY B 192 -12.03 -0.41 -12.10
CA GLY B 192 -11.47 0.59 -12.97
C GLY B 192 -12.51 1.24 -13.85
N VAL B 193 -12.11 1.62 -15.07
CA VAL B 193 -13.02 2.28 -16.02
C VAL B 193 -13.92 1.19 -16.63
N THR B 194 -15.20 1.30 -16.28
CA THR B 194 -16.19 0.27 -16.52
C THR B 194 -17.25 0.90 -17.41
N ARG B 195 -17.89 0.05 -18.26
CA ARG B 195 -18.81 0.54 -19.30
C ARG B 195 -20.19 0.81 -18.64
N THR B 196 -20.22 1.91 -17.95
CA THR B 196 -21.47 2.41 -17.38
C THR B 196 -21.73 3.90 -17.64
N SER B 197 -22.91 4.37 -17.21
CA SER B 197 -23.17 5.77 -17.39
C SER B 197 -22.12 6.71 -16.73
N MET B 198 -21.44 6.29 -15.67
CA MET B 198 -20.35 7.07 -15.00
C MET B 198 -19.15 7.39 -15.85
N ALA B 199 -18.95 6.58 -16.91
CA ALA B 199 -17.86 6.73 -17.77
C ALA B 199 -18.22 7.37 -19.13
N GLU B 200 -19.39 8.02 -19.22
CA GLU B 200 -19.67 8.87 -20.41
C GLU B 200 -18.77 10.12 -20.23
N GLY B 201 -18.04 10.48 -21.27
CA GLY B 201 -17.11 11.60 -21.16
C GLY B 201 -15.69 11.10 -20.95
N ILE B 202 -15.48 10.07 -20.14
CA ILE B 202 -14.13 9.56 -19.81
C ILE B 202 -13.93 8.30 -20.66
N ASP B 203 -12.71 7.92 -20.86
CA ASP B 203 -12.36 6.82 -21.77
C ASP B 203 -11.19 6.02 -21.20
N PRO B 204 -11.12 4.68 -21.41
CA PRO B 204 -9.97 3.93 -20.90
C PRO B 204 -8.62 4.41 -21.42
N SER B 205 -8.58 4.91 -22.66
CA SER B 205 -7.33 5.57 -23.19
C SER B 205 -6.76 6.80 -22.46
N MET B 206 -7.57 7.53 -21.70
CA MET B 206 -7.06 8.59 -20.83
C MET B 206 -6.22 8.10 -19.66
N PHE B 207 -6.17 6.76 -19.49
CA PHE B 207 -5.48 6.21 -18.42
C PHE B 207 -4.36 5.35 -19.06
N ASP B 208 -3.40 5.13 -18.24
CA ASP B 208 -2.19 4.53 -18.75
C ASP B 208 -2.45 3.09 -18.41
N LEU B 209 -3.22 2.32 -19.23
CA LEU B 209 -3.63 0.95 -18.77
C LEU B 209 -2.89 -0.20 -19.31
N PRO B 210 -2.47 -1.15 -18.43
CA PRO B 210 -1.86 -2.37 -18.91
C PRO B 210 -2.78 -3.14 -19.86
N ILE B 211 -4.07 -3.15 -19.58
CA ILE B 211 -5.09 -3.75 -20.44
C ILE B 211 -5.95 -2.59 -20.99
N ASN B 212 -5.77 -2.25 -22.26
CA ASN B 212 -6.32 -1.01 -22.79
C ASN B 212 -7.69 -1.32 -23.37
N GLY B 213 -8.71 -1.19 -22.62
CA GLY B 213 -10.09 -1.47 -23.01
C GLY B 213 -11.05 -1.24 -21.88
N TRP B 214 -12.35 -1.39 -22.17
CA TRP B 214 -13.36 -1.24 -21.16
C TRP B 214 -13.48 -2.49 -20.31
N ILE B 215 -13.83 -2.32 -19.03
CA ILE B 215 -14.19 -3.41 -18.21
C ILE B 215 -15.74 -3.52 -18.21
N GLU B 216 -16.25 -4.70 -18.42
CA GLU B 216 -17.71 -4.93 -18.35
C GLU B 216 -18.18 -5.08 -16.94
N VAL B 217 -19.42 -4.67 -16.71
CA VAL B 217 -20.01 -4.81 -15.38
C VAL B 217 -19.96 -6.23 -14.82
N ASP B 218 -20.05 -7.27 -15.65
CA ASP B 218 -20.01 -8.65 -15.23
C ASP B 218 -18.68 -8.93 -14.40
N ALA B 219 -17.60 -8.32 -14.84
CA ALA B 219 -16.30 -8.55 -14.22
C ALA B 219 -16.30 -8.07 -12.78
N ILE B 220 -16.96 -6.95 -12.55
CA ILE B 220 -17.05 -6.41 -11.18
C ILE B 220 -17.92 -7.30 -10.31
N ALA B 221 -19.07 -7.71 -10.85
CA ALA B 221 -19.92 -8.63 -10.16
C ALA B 221 -19.25 -10.00 -9.85
N ASP B 222 -18.40 -10.48 -10.74
CA ASP B 222 -17.72 -11.72 -10.50
C ASP B 222 -16.85 -11.63 -9.19
N ALA B 223 -16.21 -10.46 -8.97
CA ALA B 223 -15.42 -10.29 -7.77
C ALA B 223 -16.27 -10.28 -6.52
N VAL B 224 -17.40 -9.59 -6.62
CA VAL B 224 -18.37 -9.63 -5.50
C VAL B 224 -18.83 -11.01 -5.15
N THR B 225 -19.18 -11.81 -6.18
CA THR B 225 -19.59 -13.20 -6.02
C THR B 225 -18.49 -14.04 -5.37
N TYR B 226 -17.26 -13.83 -5.82
CA TYR B 226 -16.16 -14.54 -5.21
C TYR B 226 -16.09 -14.22 -3.69
N LEU B 227 -16.18 -12.96 -3.38
CA LEU B 227 -16.09 -12.58 -2.00
C LEU B 227 -17.25 -13.15 -1.17
N VAL B 228 -18.50 -13.03 -1.67
CA VAL B 228 -19.64 -13.56 -0.90
C VAL B 228 -19.54 -15.05 -0.61
N LYS B 229 -18.85 -15.84 -1.45
CA LYS B 229 -18.71 -17.23 -1.27
C LYS B 229 -17.45 -17.57 -0.47
N SER B 230 -16.65 -16.62 -0.14
CA SER B 230 -15.45 -16.80 0.64
C SER B 230 -15.69 -16.69 2.15
N LYS B 231 -14.78 -17.29 2.92
CA LYS B 231 -14.90 -17.14 4.41
C LYS B 231 -13.64 -16.70 5.10
N ASN B 232 -12.51 -16.64 4.38
CA ASN B 232 -11.20 -16.29 5.00
C ASN B 232 -10.63 -14.98 4.46
N VAL B 233 -11.43 -14.19 3.70
CA VAL B 233 -11.02 -12.95 3.13
C VAL B 233 -11.66 -11.78 3.89
N THR B 234 -10.85 -10.98 4.53
CA THR B 234 -11.40 -9.80 5.18
C THR B 234 -10.35 -8.71 5.30
N GLY B 235 -10.80 -7.47 5.24
CA GLY B 235 -9.92 -6.38 5.27
C GLY B 235 -9.09 -6.04 4.05
N THR B 236 -9.62 -6.56 2.92
CA THR B 236 -8.91 -6.48 1.70
C THR B 236 -9.65 -5.72 0.61
N THR B 237 -8.91 -5.42 -0.46
CA THR B 237 -9.52 -4.94 -1.73
C THR B 237 -9.27 -5.95 -2.78
N VAL B 238 -10.28 -6.26 -3.56
CA VAL B 238 -10.10 -6.99 -4.83
C VAL B 238 -10.17 -5.97 -5.93
N SER B 239 -9.09 -5.73 -6.65
CA SER B 239 -9.03 -4.70 -7.71
C SER B 239 -9.34 -5.32 -9.06
N VAL B 240 -10.37 -4.82 -9.72
CA VAL B 240 -10.78 -5.28 -11.06
C VAL B 240 -10.69 -4.00 -11.95
N ASP B 241 -9.47 -3.67 -12.35
CA ASP B 241 -9.15 -2.33 -12.85
C ASP B 241 -8.26 -2.28 -14.08
N ASN B 242 -8.10 -3.42 -14.77
CA ASN B 242 -7.31 -3.48 -15.97
C ASN B 242 -5.90 -2.98 -15.74
N GLY B 243 -5.46 -3.11 -14.49
CA GLY B 243 -4.08 -2.70 -14.17
C GLY B 243 -3.86 -1.31 -13.66
N TYR B 244 -4.90 -0.52 -13.57
CA TYR B 244 -4.78 0.89 -13.26
C TYR B 244 -3.83 1.11 -12.07
N CYS B 245 -4.04 0.32 -11.01
CA CYS B 245 -3.23 0.50 -9.75
C CYS B 245 -1.92 -0.21 -9.74
N ALA B 246 -1.57 -0.97 -10.77
CA ALA B 246 -0.34 -1.69 -10.77
C ALA B 246 0.87 -0.77 -10.67
N PRO C 7 31.90 11.25 20.76
CA PRO C 7 30.80 11.68 20.05
C PRO C 7 30.82 11.45 18.53
N SER C 8 31.91 11.20 17.78
CA SER C 8 31.74 10.94 16.29
C SER C 8 31.30 9.45 16.10
N LEU C 9 30.04 9.22 15.69
CA LEU C 9 29.52 7.88 15.39
C LEU C 9 29.90 7.47 14.03
N ASN C 10 29.98 6.18 13.84
CA ASN C 10 30.38 5.62 12.50
C ASN C 10 29.18 5.27 11.59
N ALA C 11 29.26 5.69 10.34
CA ALA C 11 28.20 5.38 9.35
C ALA C 11 28.88 4.66 8.20
N LEU C 12 28.25 3.58 7.70
CA LEU C 12 28.71 2.85 6.57
C LEU C 12 27.80 3.20 5.41
N VAL C 13 28.32 3.66 4.27
CA VAL C 13 27.49 4.01 3.12
C VAL C 13 28.01 3.21 1.93
N THR C 14 27.28 2.20 1.49
CA THR C 14 27.70 1.57 0.25
C THR C 14 27.38 2.43 -0.97
N GLY C 15 28.20 2.28 -2.01
CA GLY C 15 28.08 3.17 -3.15
C GLY C 15 28.27 4.59 -2.83
N GLY C 16 29.19 4.83 -1.92
CA GLY C 16 29.40 6.23 -1.54
C GLY C 16 30.33 7.11 -2.41
N SER C 17 30.79 6.56 -3.54
CA SER C 17 31.75 7.19 -4.40
C SER C 17 31.17 8.09 -5.46
N ARG C 18 29.87 8.01 -5.77
CA ARG C 18 29.26 8.92 -6.69
C ARG C 18 27.77 8.97 -6.45
N GLY C 19 27.14 9.83 -7.17
CA GLY C 19 25.71 9.95 -7.18
C GLY C 19 25.07 10.14 -5.82
N ILE C 20 23.99 9.42 -5.61
CA ILE C 20 23.21 9.55 -4.37
C ILE C 20 24.11 9.18 -3.20
N GLY C 21 24.89 8.09 -3.31
CA GLY C 21 25.73 7.72 -2.13
C GLY C 21 26.77 8.78 -1.74
N GLU C 22 27.32 9.45 -2.68
CA GLU C 22 28.24 10.58 -2.42
C GLU C 22 27.55 11.68 -1.69
N ALA C 23 26.31 12.03 -2.09
CA ALA C 23 25.63 13.14 -1.48
C ALA C 23 25.25 12.73 -0.02
N ILE C 24 24.83 11.48 0.20
CA ILE C 24 24.46 10.96 1.55
C ILE C 24 25.75 11.07 2.40
N SER C 25 26.87 10.62 1.88
CA SER C 25 28.13 10.65 2.66
C SER C 25 28.51 12.09 3.03
N MET C 26 28.41 13.02 2.10
CA MET C 26 28.73 14.40 2.33
C MET C 26 27.86 14.94 3.44
N GLN C 27 26.57 14.65 3.41
CA GLN C 27 25.65 15.20 4.44
C GLN C 27 25.88 14.56 5.82
N LEU C 28 26.12 13.24 5.85
CA LEU C 28 26.39 12.60 7.15
C LEU C 28 27.68 13.17 7.74
N ALA C 29 28.68 13.34 6.90
CA ALA C 29 29.94 13.94 7.37
C ALA C 29 29.72 15.36 7.90
N ALA C 30 28.86 16.16 7.23
CA ALA C 30 28.55 17.52 7.70
C ALA C 30 27.87 17.49 9.04
N GLU C 31 27.19 16.39 9.35
CA GLU C 31 26.45 16.23 10.58
C GLU C 31 27.39 15.66 11.67
N GLY C 32 28.63 15.39 11.31
CA GLY C 32 29.54 14.84 12.32
C GLY C 32 29.88 13.39 12.34
N TYR C 33 29.28 12.57 11.47
CA TYR C 33 29.50 11.17 11.39
C TYR C 33 30.84 10.89 10.75
N SER C 34 31.55 9.87 11.25
CA SER C 34 32.71 9.30 10.61
C SER C 34 32.18 8.29 9.58
N VAL C 35 32.44 8.65 8.31
CA VAL C 35 31.83 7.88 7.24
C VAL C 35 32.81 6.86 6.62
N THR C 36 32.41 5.58 6.55
CA THR C 36 33.11 4.64 5.69
C THR C 36 32.32 4.53 4.40
N ILE C 37 33.00 4.72 3.31
CA ILE C 37 32.39 4.60 1.96
C ILE C 37 32.91 3.33 1.37
N ALA C 38 32.00 2.59 0.74
CA ALA C 38 32.29 1.23 0.29
C ALA C 38 31.84 1.02 -1.12
N SER C 39 32.75 0.66 -2.01
CA SER C 39 32.40 0.38 -3.41
C SER C 39 33.65 -0.11 -4.12
N ARG C 40 33.55 -0.36 -5.43
CA ARG C 40 34.70 -0.98 -6.17
C ARG C 40 35.82 -0.02 -6.50
N GLY C 41 35.49 1.24 -6.89
CA GLY C 41 36.44 2.12 -7.53
C GLY C 41 37.25 2.84 -6.43
N LEU C 42 38.45 2.34 -6.20
CA LEU C 42 39.32 2.87 -5.17
C LEU C 42 39.74 4.36 -5.47
N GLU C 43 40.07 4.71 -6.72
CA GLU C 43 40.53 6.07 -7.04
C GLU C 43 39.40 7.07 -6.68
N GLN C 44 38.19 6.77 -7.08
CA GLN C 44 37.01 7.62 -6.82
C GLN C 44 36.59 7.66 -5.34
N LEU C 45 36.78 6.55 -4.62
CA LEU C 45 36.50 6.49 -3.16
C LEU C 45 37.51 7.40 -2.44
N GLU C 46 38.78 7.34 -2.82
CA GLU C 46 39.79 8.18 -2.13
C GLU C 46 39.48 9.65 -2.41
N ALA C 47 39.10 10.00 -3.66
CA ALA C 47 38.75 11.36 -4.02
C ALA C 47 37.59 11.93 -3.15
N VAL C 48 36.55 11.12 -3.00
CA VAL C 48 35.42 11.54 -2.18
C VAL C 48 35.83 11.66 -0.74
N LYS C 49 36.55 10.67 -0.26
CA LYS C 49 36.99 10.67 1.17
C LYS C 49 37.65 12.01 1.50
N ALA C 50 38.49 12.49 0.61
CA ALA C 50 39.28 13.72 0.83
C ALA C 50 38.47 14.96 0.94
N LYS C 51 37.27 14.99 0.32
CA LYS C 51 36.30 16.08 0.35
C LYS C 51 35.25 15.99 1.46
N LEU C 52 35.13 14.87 2.19
CA LEU C 52 34.07 14.73 3.17
C LEU C 52 34.39 15.72 4.31
N PRO C 53 33.41 16.54 4.74
CA PRO C 53 33.60 17.53 5.79
C PRO C 53 34.10 16.87 7.12
N ILE C 54 34.98 17.61 7.79
CA ILE C 54 35.34 17.24 9.15
C ILE C 54 34.94 18.41 10.07
N VAL C 55 33.94 18.19 10.93
CA VAL C 55 33.43 19.18 11.75
C VAL C 55 33.53 18.90 13.25
N LYS C 56 33.99 17.74 13.69
CA LYS C 56 33.94 17.31 15.14
C LYS C 56 35.35 16.72 15.35
N GLN C 57 35.91 17.00 16.54
CA GLN C 57 37.19 16.43 16.89
C GLN C 57 37.00 14.89 17.02
N GLY C 58 37.92 14.16 16.41
CA GLY C 58 37.87 12.73 16.41
C GLY C 58 37.18 12.11 15.20
N GLN C 59 36.41 12.90 14.46
CA GLN C 59 35.79 12.40 13.26
C GLN C 59 36.86 12.14 12.17
N THR C 60 36.75 10.96 11.54
CA THR C 60 37.62 10.45 10.57
C THR C 60 36.83 9.68 9.55
N HIS C 61 37.25 9.69 8.31
CA HIS C 61 36.56 8.92 7.29
C HIS C 61 37.39 7.80 6.79
N HIS C 62 36.77 6.83 6.11
CA HIS C 62 37.44 5.61 5.71
C HIS C 62 36.94 5.14 4.38
N VAL C 63 37.76 4.41 3.65
CA VAL C 63 37.28 3.74 2.41
C VAL C 63 37.33 2.26 2.60
N TRP C 64 36.41 1.58 1.96
CA TRP C 64 36.39 0.11 1.94
C TRP C 64 36.21 -0.33 0.50
N GLN C 65 37.26 -0.89 -0.10
CA GLN C 65 37.13 -1.41 -1.50
C GLN C 65 36.38 -2.74 -1.45
N LEU C 66 35.14 -2.74 -1.97
CA LEU C 66 34.23 -3.86 -1.80
C LEU C 66 33.45 -4.03 -3.11
N ASP C 67 33.46 -5.27 -3.62
CA ASP C 67 32.61 -5.57 -4.74
C ASP C 67 31.41 -6.36 -4.16
N LEU C 68 30.24 -5.70 -4.21
CA LEU C 68 29.05 -6.33 -3.72
C LEU C 68 28.53 -7.54 -4.49
N SER C 69 29.14 -7.83 -5.62
CA SER C 69 28.86 -9.14 -6.19
CA SER C 69 29.00 -9.17 -6.22
C SER C 69 29.50 -10.34 -5.40
N ASP C 70 30.41 -10.03 -4.47
CA ASP C 70 31.02 -11.01 -3.63
C ASP C 70 30.32 -10.97 -2.27
N VAL C 71 29.28 -11.79 -2.16
CA VAL C 71 28.42 -11.90 -0.98
C VAL C 71 29.21 -12.37 0.25
N GLU C 72 30.15 -13.28 0.03
CA GLU C 72 30.94 -13.75 1.12
C GLU C 72 31.84 -12.63 1.68
N ALA C 73 32.40 -11.83 0.77
CA ALA C 73 33.27 -10.69 1.24
C ALA C 73 32.41 -9.68 1.99
N ALA C 74 31.22 -9.45 1.49
CA ALA C 74 30.37 -8.46 2.09
C ALA C 74 29.98 -8.88 3.53
N GLY C 75 29.44 -10.11 3.66
CA GLY C 75 29.03 -10.68 4.94
C GLY C 75 30.13 -10.86 5.97
N SER C 76 31.34 -11.03 5.53
CA SER C 76 32.44 -11.19 6.44
C SER C 76 33.24 -9.88 6.66
N PHE C 77 32.80 -8.74 6.12
CA PHE C 77 33.52 -7.44 6.25
C PHE C 77 34.98 -7.58 5.82
N LYS C 78 35.18 -8.36 4.75
CA LYS C 78 36.52 -8.58 4.22
C LYS C 78 37.12 -7.33 3.62
N GLY C 79 38.28 -6.93 4.14
CA GLY C 79 38.91 -5.71 3.77
C GLY C 79 38.34 -4.45 4.44
N ALA C 80 37.33 -4.57 5.34
CA ALA C 80 36.76 -3.38 5.87
C ALA C 80 37.75 -2.67 6.81
N PRO C 81 37.63 -1.38 6.92
CA PRO C 81 38.56 -0.63 7.81
C PRO C 81 38.23 -0.79 9.26
N LEU C 82 36.95 -1.01 9.55
CA LEU C 82 36.42 -1.22 10.88
C LEU C 82 35.52 -2.43 10.96
N PRO C 83 35.44 -3.04 12.14
CA PRO C 83 34.51 -4.17 12.28
C PRO C 83 33.04 -3.65 12.21
N ALA C 84 32.20 -4.60 11.88
CA ALA C 84 30.79 -4.31 11.86
C ALA C 84 30.26 -3.78 13.14
N SER C 85 30.85 -4.21 14.28
CA SER C 85 30.43 -3.71 15.57
C SER C 85 30.57 -2.19 15.80
N SER C 86 31.35 -1.49 14.97
CA SER C 86 31.63 -0.08 15.11
C SER C 86 30.56 0.84 14.63
N TYR C 87 29.61 0.31 13.86
CA TYR C 87 28.66 1.15 13.13
C TYR C 87 27.34 1.38 13.87
N ASP C 88 26.97 2.64 13.87
CA ASP C 88 25.59 3.03 14.38
CA ASP C 88 25.74 3.22 14.41
C ASP C 88 24.68 3.42 13.26
N VAL C 89 25.19 3.58 12.05
CA VAL C 89 24.37 3.84 10.89
C VAL C 89 24.88 3.01 9.76
N PHE C 90 23.96 2.37 9.06
CA PHE C 90 24.31 1.67 7.80
C PHE C 90 23.32 2.13 6.73
N VAL C 91 23.83 2.77 5.68
CA VAL C 91 22.99 3.15 4.53
C VAL C 91 23.37 2.22 3.38
N SER C 92 22.40 1.40 2.93
CA SER C 92 22.61 0.45 1.91
C SER C 92 22.18 1.13 0.62
N ASN C 93 23.11 1.76 -0.08
CA ASN C 93 22.79 2.60 -1.25
C ASN C 93 23.22 1.99 -2.56
N ALA C 94 24.28 1.19 -2.56
CA ALA C 94 24.83 0.73 -3.82
C ALA C 94 23.74 -0.07 -4.56
N GLY C 95 23.75 0.08 -5.88
CA GLY C 95 22.76 -0.72 -6.68
C GLY C 95 23.07 -0.54 -8.17
N ILE C 96 22.49 -1.47 -8.94
CA ILE C 96 22.58 -1.51 -10.37
C ILE C 96 21.16 -1.50 -10.88
N SER C 97 20.99 -0.78 -12.00
CA SER C 97 19.68 -0.86 -12.65
C SER C 97 19.87 -1.25 -14.10
N GLN C 98 18.96 -2.11 -14.56
CA GLN C 98 19.03 -2.63 -15.95
C GLN C 98 17.59 -2.54 -16.47
N PHE C 99 17.48 -2.14 -17.74
CA PHE C 99 16.23 -1.96 -18.43
C PHE C 99 16.20 -2.97 -19.57
N SER C 100 15.22 -3.87 -19.58
CA SER C 100 15.07 -4.94 -20.56
C SER C 100 13.72 -5.56 -20.52
N PRO C 101 13.12 -5.87 -21.69
CA PRO C 101 12.01 -6.84 -21.60
C PRO C 101 12.46 -8.06 -20.89
N ILE C 102 11.60 -8.68 -20.11
CA ILE C 102 12.05 -9.86 -19.32
C ILE C 102 12.54 -11.01 -20.23
N ALA C 103 11.85 -11.17 -21.36
CA ALA C 103 12.21 -12.20 -22.22
C ALA C 103 13.60 -12.11 -22.79
N GLU C 104 14.14 -10.90 -22.89
CA GLU C 104 15.47 -10.64 -23.51
C GLU C 104 16.57 -10.34 -22.46
N HIS C 105 16.24 -10.52 -21.17
CA HIS C 105 17.16 -10.00 -20.12
C HIS C 105 18.24 -11.04 -19.85
N ALA C 106 19.52 -10.72 -20.20
CA ALA C 106 20.55 -11.72 -20.10
C ALA C 106 20.70 -12.27 -18.67
N ASP C 107 20.69 -13.58 -18.49
CA ASP C 107 20.73 -14.21 -17.17
C ASP C 107 21.91 -13.66 -16.34
N ALA C 108 23.14 -13.62 -16.90
CA ALA C 108 24.25 -13.09 -16.12
C ALA C 108 24.03 -11.65 -15.55
N ASP C 109 23.39 -10.84 -16.37
CA ASP C 109 23.07 -9.48 -15.99
C ASP C 109 22.02 -9.41 -14.86
N TRP C 110 20.87 -10.04 -15.05
CA TRP C 110 19.82 -9.90 -14.03
C TRP C 110 20.21 -10.57 -12.75
N GLN C 111 20.93 -11.64 -12.82
CA GLN C 111 21.39 -12.39 -11.60
C GLN C 111 22.42 -11.54 -10.89
N ASN C 112 23.32 -10.88 -11.60
CA ASN C 112 24.31 -10.02 -10.90
C ASN C 112 23.58 -8.82 -10.22
N MET C 113 22.58 -8.28 -10.92
CA MET C 113 21.81 -7.15 -10.38
C MET C 113 21.08 -7.63 -9.11
N LEU C 114 20.46 -8.79 -9.16
CA LEU C 114 19.78 -9.34 -7.93
C LEU C 114 20.76 -9.54 -6.77
N THR C 115 21.93 -10.07 -7.05
CA THR C 115 22.95 -10.25 -6.01
C THR C 115 23.44 -8.89 -5.40
N VAL C 116 23.69 -7.88 -6.21
CA VAL C 116 24.21 -6.57 -5.73
C VAL C 116 23.09 -5.86 -4.93
N ASN C 117 21.90 -5.94 -5.48
CA ASN C 117 20.79 -5.12 -4.95
C ASN C 117 20.07 -5.73 -3.80
N LEU C 118 20.14 -7.04 -3.63
CA LEU C 118 19.39 -7.69 -2.57
C LEU C 118 20.19 -8.69 -1.76
N THR C 119 20.92 -9.59 -2.37
CA THR C 119 21.59 -10.64 -1.61
C THR C 119 22.75 -10.08 -0.74
N ALA C 120 23.53 -9.20 -1.36
CA ALA C 120 24.65 -8.50 -0.63
C ALA C 120 24.16 -7.61 0.48
N PRO C 121 23.14 -6.80 0.26
CA PRO C 121 22.61 -6.05 1.38
C PRO C 121 22.07 -6.90 2.51
N ILE C 122 21.41 -8.06 2.23
CA ILE C 122 21.03 -9.00 3.28
C ILE C 122 22.27 -9.45 4.06
N ALA C 123 23.31 -9.84 3.36
CA ALA C 123 24.49 -10.31 4.09
C ALA C 123 25.17 -9.20 4.90
N LEU C 124 25.20 -7.99 4.40
CA LEU C 124 25.77 -6.85 5.16
C LEU C 124 24.94 -6.59 6.36
N THR C 125 23.61 -6.56 6.15
CA THR C 125 22.70 -6.25 7.25
C THR C 125 22.85 -7.32 8.38
N LYS C 126 22.94 -8.59 8.03
CA LYS C 126 23.14 -9.66 8.96
C LYS C 126 24.38 -9.34 9.78
N ALA C 127 25.46 -9.08 9.10
CA ALA C 127 26.70 -8.81 9.83
C ALA C 127 26.56 -7.69 10.79
N VAL C 128 25.94 -6.59 10.40
CA VAL C 128 25.88 -5.41 11.26
C VAL C 128 25.00 -5.76 12.43
N VAL C 129 23.81 -6.32 12.15
CA VAL C 129 22.84 -6.64 13.20
C VAL C 129 23.48 -7.61 14.23
N LYS C 130 24.20 -8.62 13.77
CA LYS C 130 24.81 -9.61 14.70
C LYS C 130 25.80 -8.86 15.61
N ALA C 131 26.52 -7.95 15.03
CA ALA C 131 27.54 -7.19 15.71
C ALA C 131 27.04 -6.14 16.69
N ILE C 132 25.92 -5.51 16.42
CA ILE C 132 25.46 -4.41 17.21
C ILE C 132 24.21 -4.67 18.05
N SER C 133 23.48 -5.74 17.81
CA SER C 133 22.18 -5.94 18.46
C SER C 133 22.16 -5.80 19.94
N ASP C 134 23.21 -6.28 20.59
CA ASP C 134 23.19 -6.25 22.02
C ASP C 134 24.05 -5.19 22.60
N LYS C 135 24.55 -4.26 21.81
CA LYS C 135 25.38 -3.14 22.32
C LYS C 135 24.45 -2.13 22.95
N PRO C 136 24.84 -1.56 24.09
CA PRO C 136 23.96 -0.53 24.66
C PRO C 136 24.05 0.80 23.88
N ARG C 137 22.90 1.45 23.77
CA ARG C 137 22.70 2.65 23.00
C ARG C 137 21.80 3.58 23.76
N GLN C 138 22.08 4.88 23.68
CA GLN C 138 21.17 5.90 24.20
C GLN C 138 20.04 6.22 23.26
N THR C 139 20.34 6.18 21.98
CA THR C 139 19.37 6.48 20.93
C THR C 139 19.52 5.40 19.89
N PRO C 140 18.52 5.30 19.00
CA PRO C 140 18.57 4.10 18.12
C PRO C 140 19.66 4.19 17.07
N ALA C 141 20.17 3.00 16.72
CA ALA C 141 20.96 2.85 15.49
C ALA C 141 20.00 2.90 14.29
N HIS C 142 20.59 3.20 13.13
CA HIS C 142 19.74 3.28 11.89
C HIS C 142 20.25 2.41 10.80
N ILE C 143 19.38 1.57 10.24
CA ILE C 143 19.65 0.91 8.95
C ILE C 143 18.68 1.52 7.92
N ILE C 144 19.22 2.05 6.82
CA ILE C 144 18.43 2.75 5.81
C ILE C 144 18.79 2.18 4.44
N PHE C 145 17.77 1.69 3.74
CA PHE C 145 18.01 1.15 2.43
C PHE C 145 17.51 2.17 1.39
N ILE C 146 18.23 2.31 0.32
CA ILE C 146 17.82 3.15 -0.82
C ILE C 146 17.12 2.19 -1.82
N SER C 147 15.85 2.51 -2.03
CA SER C 147 14.92 1.68 -2.83
C SER C 147 14.67 2.47 -4.14
N THR C 148 13.42 2.48 -4.58
CA THR C 148 13.07 3.20 -5.82
C THR C 148 11.53 3.20 -5.91
N GLY C 149 11.06 4.20 -6.62
CA GLY C 149 9.61 4.25 -6.87
C GLY C 149 9.08 3.05 -7.57
N LEU C 150 9.93 2.48 -8.40
CA LEU C 150 9.53 1.24 -9.12
C LEU C 150 9.25 0.02 -8.26
N SER C 151 9.65 0.02 -6.98
CA SER C 151 9.35 -1.09 -6.12
C SER C 151 7.89 -1.12 -5.66
N LYS C 152 7.23 0.04 -5.84
CA LYS C 152 5.83 0.22 -5.36
C LYS C 152 4.84 0.41 -6.47
N ARG C 153 5.27 0.89 -7.62
CA ARG C 153 4.34 1.15 -8.78
C ARG C 153 5.06 0.55 -9.97
N GLY C 154 4.47 -0.48 -10.58
CA GLY C 154 5.12 -1.15 -11.69
C GLY C 154 5.31 -0.34 -12.95
N ALA C 155 6.36 -0.71 -13.69
CA ALA C 155 6.60 -0.22 -15.04
C ALA C 155 7.15 -1.27 -15.91
N PRO C 156 6.96 -1.09 -17.26
CA PRO C 156 7.60 -2.02 -18.16
C PRO C 156 9.11 -1.97 -18.17
N MET C 157 9.71 -3.14 -18.45
CA MET C 157 11.14 -3.31 -18.77
C MET C 157 12.03 -3.22 -17.52
N VAL C 158 11.41 -3.35 -16.35
CA VAL C 158 12.19 -3.25 -15.14
C VAL C 158 11.83 -4.37 -14.13
N GLY C 159 11.48 -5.53 -14.61
CA GLY C 159 11.03 -6.67 -13.81
C GLY C 159 11.94 -7.06 -12.68
N VAL C 160 13.18 -7.40 -13.06
CA VAL C 160 14.11 -7.84 -11.99
C VAL C 160 14.57 -6.67 -11.14
N TYR C 161 14.77 -5.50 -11.70
CA TYR C 161 15.17 -4.28 -10.90
C TYR C 161 14.09 -4.07 -9.83
N SER C 162 12.85 -4.00 -10.26
CA SER C 162 11.72 -3.89 -9.34
C SER C 162 11.63 -4.99 -8.29
N ALA C 163 11.82 -6.24 -8.66
CA ALA C 163 11.84 -7.35 -7.81
C ALA C 163 12.96 -7.11 -6.70
N SER C 164 14.14 -6.70 -7.15
CA SER C 164 15.22 -6.60 -6.15
C SER C 164 14.96 -5.58 -5.10
N LYS C 165 14.34 -4.49 -5.46
CA LYS C 165 14.14 -3.33 -4.56
C LYS C 165 12.85 -3.54 -3.76
N ALA C 166 11.86 -4.19 -4.35
CA ALA C 166 10.72 -4.59 -3.54
C ALA C 166 11.11 -5.60 -2.48
N GLY C 167 12.12 -6.42 -2.80
CA GLY C 167 12.64 -7.39 -1.82
C GLY C 167 13.25 -6.63 -0.61
N ILE C 168 13.95 -5.61 -0.92
CA ILE C 168 14.60 -4.73 0.09
C ILE C 168 13.52 -4.17 1.00
N ASP C 169 12.44 -3.71 0.36
CA ASP C 169 11.29 -3.17 1.15
C ASP C 169 10.75 -4.15 2.13
N GLY C 170 10.53 -5.41 1.69
CA GLY C 170 10.01 -6.47 2.49
C GLY C 170 10.91 -6.77 3.65
N PHE C 171 12.22 -6.85 3.30
CA PHE C 171 13.22 -7.07 4.31
C PHE C 171 13.16 -5.95 5.38
N MET C 172 13.03 -4.73 4.94
CA MET C 172 13.03 -3.51 5.78
C MET C 172 11.90 -3.63 6.82
N ARG C 173 10.70 -3.93 6.34
CA ARG C 173 9.53 -3.95 7.24
C ARG C 173 9.66 -5.05 8.28
N SER C 174 10.12 -6.25 7.93
CA SER C 174 10.29 -7.33 8.87
C SER C 174 11.41 -6.94 9.89
N LEU C 175 12.54 -6.50 9.37
CA LEU C 175 13.65 -6.06 10.28
C LEU C 175 13.20 -4.98 11.22
N ALA C 176 12.37 -4.06 10.79
CA ALA C 176 11.90 -3.00 11.67
C ALA C 176 11.15 -3.66 12.84
N ARG C 177 10.31 -4.65 12.61
CA ARG C 177 9.56 -5.38 13.68
C ARG C 177 10.47 -6.15 14.60
N GLU C 178 11.49 -6.80 14.01
CA GLU C 178 12.38 -7.64 14.74
C GLU C 178 13.32 -6.82 15.64
N LEU C 179 13.74 -5.66 15.15
CA LEU C 179 14.86 -4.92 15.72
C LEU C 179 14.48 -3.68 16.53
N GLY C 180 13.24 -3.21 16.39
CA GLY C 180 12.76 -2.11 17.17
C GLY C 180 13.06 -2.30 18.67
N PRO C 181 12.78 -3.48 19.21
CA PRO C 181 13.07 -3.74 20.68
C PRO C 181 14.51 -3.76 21.03
N LYS C 182 15.38 -3.90 20.07
CA LYS C 182 16.84 -3.80 20.25
C LYS C 182 17.41 -2.41 20.00
N GLY C 183 16.55 -1.42 19.76
CA GLY C 183 16.99 -0.07 19.53
C GLY C 183 17.69 0.11 18.18
N ILE C 184 17.19 -0.61 17.14
CA ILE C 184 17.61 -0.31 15.77
C ILE C 184 16.34 -0.02 14.94
N ASN C 185 16.37 1.16 14.29
CA ASN C 185 15.28 1.61 13.39
C ASN C 185 15.65 1.38 11.97
N VAL C 186 14.69 0.88 11.16
CA VAL C 186 15.01 0.42 9.81
C VAL C 186 13.98 1.02 8.86
N ASN C 187 14.44 1.65 7.80
CA ASN C 187 13.58 2.36 6.88
C ASN C 187 14.17 2.32 5.49
N CYS C 188 13.31 2.68 4.49
CA CYS C 188 13.77 2.91 3.14
C CYS C 188 13.63 4.35 2.76
N VAL C 189 14.48 4.85 1.88
CA VAL C 189 14.25 6.06 1.15
C VAL C 189 14.11 5.67 -0.32
N SER C 190 13.01 6.14 -0.95
CA SER C 190 12.70 5.76 -2.33
C SER C 190 12.83 6.93 -3.31
N PRO C 191 13.93 7.01 -4.08
CA PRO C 191 14.10 8.06 -5.06
C PRO C 191 13.24 7.77 -6.30
N GLY C 192 12.86 8.83 -6.90
CA GLY C 192 12.39 8.84 -8.31
C GLY C 192 13.52 9.06 -9.27
N VAL C 193 13.23 9.75 -10.37
CA VAL C 193 14.26 9.88 -11.44
C VAL C 193 15.16 11.04 -11.07
N THR C 194 16.35 10.61 -10.71
CA THR C 194 17.35 11.51 -10.19
CA THR C 194 17.41 11.43 -10.10
C THR C 194 18.53 11.65 -11.13
N ARG C 195 19.16 12.80 -11.06
CA ARG C 195 20.21 13.17 -11.99
C ARG C 195 21.46 12.42 -11.60
N THR C 196 21.57 11.19 -12.02
CA THR C 196 22.80 10.35 -11.83
C THR C 196 23.09 9.51 -13.06
N SER C 197 24.29 8.88 -13.09
CA SER C 197 24.64 7.86 -14.09
C SER C 197 23.49 6.81 -14.39
N MET C 198 22.68 6.42 -13.41
CA MET C 198 21.53 5.53 -13.71
C MET C 198 20.49 6.11 -14.68
N ALA C 199 20.39 7.45 -14.67
CA ALA C 199 19.63 8.23 -15.64
C ALA C 199 20.24 8.40 -17.05
N GLU C 200 21.34 7.71 -17.35
CA GLU C 200 21.69 7.38 -18.72
C GLU C 200 20.78 6.15 -18.97
N GLY C 201 19.89 6.28 -19.95
CA GLY C 201 18.88 5.25 -20.18
C GLY C 201 17.47 5.83 -20.05
N ILE C 202 17.19 6.55 -18.94
CA ILE C 202 15.85 7.12 -18.71
C ILE C 202 15.83 8.64 -18.40
N ASP C 203 14.69 9.29 -18.51
CA ASP C 203 14.63 10.74 -18.33
C ASP C 203 13.25 10.99 -17.70
N PRO C 204 13.05 12.15 -17.01
CA PRO C 204 11.74 12.41 -16.29
C PRO C 204 10.52 12.56 -17.20
N SER C 205 10.73 12.97 -18.44
CA SER C 205 9.67 12.96 -19.46
C SER C 205 9.11 11.56 -19.81
N MET C 206 9.83 10.47 -19.65
CA MET C 206 9.20 9.16 -19.88
C MET C 206 8.12 8.84 -18.90
N PHE C 207 7.97 9.65 -17.87
CA PHE C 207 7.06 9.31 -16.81
C PHE C 207 6.06 10.45 -16.68
N ASP C 208 4.93 10.08 -16.12
CA ASP C 208 3.81 11.00 -15.97
C ASP C 208 3.97 11.70 -14.65
N LEU C 209 4.77 12.79 -14.54
CA LEU C 209 5.14 13.22 -13.10
C LEU C 209 4.41 14.45 -12.63
N PRO C 210 3.89 14.45 -11.37
CA PRO C 210 3.32 15.68 -10.87
C PRO C 210 4.30 16.86 -10.85
N ILE C 211 5.61 16.58 -10.59
CA ILE C 211 6.67 17.56 -10.62
C ILE C 211 7.65 17.18 -11.76
N ASN C 212 7.58 17.90 -12.83
CA ASN C 212 8.36 17.57 -14.01
C ASN C 212 9.85 17.76 -13.61
N GLY C 213 10.72 17.14 -14.23
CA GLY C 213 12.08 17.61 -14.00
C GLY C 213 12.83 16.64 -13.10
N TRP C 214 14.13 16.91 -13.06
CA TRP C 214 15.03 16.01 -12.42
C TRP C 214 15.00 16.24 -10.89
N ILE C 215 15.24 15.17 -10.12
CA ILE C 215 15.51 15.30 -8.67
C ILE C 215 17.02 15.36 -8.53
N GLU C 216 17.52 16.30 -7.74
CA GLU C 216 18.94 16.41 -7.51
C GLU C 216 19.32 15.44 -6.37
N VAL C 217 20.55 14.99 -6.34
CA VAL C 217 20.98 14.00 -5.37
C VAL C 217 20.81 14.49 -3.95
N ASP C 218 21.00 15.80 -3.76
CA ASP C 218 20.90 16.25 -2.35
C ASP C 218 19.50 16.09 -1.77
N ALA C 219 18.45 16.08 -2.60
CA ALA C 219 17.12 15.86 -2.09
C ALA C 219 16.97 14.45 -1.50
N ILE C 220 17.65 13.49 -2.08
CA ILE C 220 17.59 12.14 -1.59
C ILE C 220 18.38 12.10 -0.24
N ALA C 221 19.55 12.69 -0.26
CA ALA C 221 20.34 12.75 0.96
C ALA C 221 19.62 13.47 2.10
N ASP C 222 18.84 14.52 1.78
CA ASP C 222 18.02 15.20 2.82
C ASP C 222 17.12 14.21 3.62
N ALA C 223 16.49 13.28 2.89
CA ALA C 223 15.61 12.31 3.52
C ALA C 223 16.40 11.36 4.40
N VAL C 224 17.62 10.92 3.93
CA VAL C 224 18.42 10.05 4.74
C VAL C 224 18.83 10.75 6.03
N THR C 225 19.21 12.01 5.88
CA THR C 225 19.59 12.87 7.07
C THR C 225 18.45 13.03 8.04
N TYR C 226 17.28 13.30 7.54
CA TYR C 226 16.10 13.39 8.36
C TYR C 226 15.95 12.04 9.18
N LEU C 227 16.00 10.89 8.48
CA LEU C 227 15.85 9.65 9.13
C LEU C 227 16.91 9.38 10.23
N VAL C 228 18.19 9.68 9.89
CA VAL C 228 19.25 9.38 10.86
C VAL C 228 19.03 10.16 12.15
N LYS C 229 18.47 11.35 12.06
CA LYS C 229 18.26 12.23 13.23
C LYS C 229 16.95 11.88 13.93
N SER C 230 16.09 11.12 13.32
CA SER C 230 14.84 10.71 13.93
C SER C 230 14.98 9.55 14.95
N LYS C 231 14.01 9.36 15.84
CA LYS C 231 14.02 8.24 16.76
C LYS C 231 12.71 7.45 16.84
N ASN C 232 11.68 7.94 16.14
CA ASN C 232 10.36 7.33 16.19
C ASN C 232 9.82 6.88 14.85
N VAL C 233 10.74 6.75 13.89
CA VAL C 233 10.39 6.41 12.50
C VAL C 233 11.02 5.03 12.29
N THR C 234 10.18 4.08 11.97
CA THR C 234 10.71 2.71 11.67
C THR C 234 9.67 1.97 10.84
N GLY C 235 10.16 1.17 9.93
CA GLY C 235 9.25 0.35 9.13
C GLY C 235 8.65 1.07 7.96
N THR C 236 9.17 2.24 7.62
CA THR C 236 8.61 3.12 6.62
C THR C 236 9.43 3.36 5.41
N THR C 237 8.78 3.86 4.38
CA THR C 237 9.45 4.49 3.29
C THR C 237 9.29 5.97 3.25
N VAL C 238 10.36 6.73 3.05
CA VAL C 238 10.27 8.18 2.70
C VAL C 238 10.44 8.25 1.25
N SER C 239 9.43 8.66 0.51
CA SER C 239 9.52 8.76 -1.00
C SER C 239 9.92 10.16 -1.41
N VAL C 240 10.96 10.24 -2.24
CA VAL C 240 11.43 11.50 -2.75
C VAL C 240 11.47 11.31 -4.27
N ASP C 241 10.29 11.51 -4.90
CA ASP C 241 10.05 10.90 -6.25
C ASP C 241 9.33 11.81 -7.18
N ASN C 242 9.15 13.08 -6.82
CA ASN C 242 8.44 14.06 -7.68
C ASN C 242 7.01 13.60 -7.98
N GLY C 243 6.46 12.83 -7.07
CA GLY C 243 5.08 12.34 -7.18
C GLY C 243 4.91 11.11 -8.05
N TYR C 244 6.00 10.42 -8.40
CA TYR C 244 5.86 9.18 -9.18
C TYR C 244 4.88 8.15 -8.58
N CYS C 245 4.92 7.95 -7.29
CA CYS C 245 4.04 6.96 -6.70
C CYS C 245 2.66 7.44 -6.21
N ALA C 246 2.40 8.72 -6.36
CA ALA C 246 1.14 9.30 -5.94
C ALA C 246 -0.08 8.60 -6.55
N PRO D 7 11.15 37.91 3.26
CA PRO D 7 11.39 36.49 3.26
C PRO D 7 10.62 35.71 4.33
N SER D 8 9.97 36.28 5.36
CA SER D 8 9.01 35.45 6.18
C SER D 8 7.75 35.17 5.36
N LEU D 9 7.54 33.90 5.09
CA LEU D 9 6.34 33.38 4.42
C LEU D 9 5.28 33.04 5.43
N ASN D 10 4.03 33.01 4.98
CA ASN D 10 2.91 32.73 5.86
C ASN D 10 2.52 31.26 5.91
N ALA D 11 2.30 30.76 7.07
CA ALA D 11 1.82 29.42 7.29
C ALA D 11 0.54 29.43 8.07
N LEU D 12 -0.42 28.68 7.60
CA LEU D 12 -1.68 28.46 8.35
C LEU D 12 -1.61 27.10 8.99
N VAL D 13 -1.88 27.00 10.30
CA VAL D 13 -1.84 25.75 11.02
C VAL D 13 -3.15 25.65 11.80
N THR D 14 -4.04 24.75 11.40
CA THR D 14 -5.21 24.44 12.19
C THR D 14 -4.88 23.64 13.42
N GLY D 15 -5.60 23.89 14.52
CA GLY D 15 -5.31 23.18 15.73
C GLY D 15 -3.99 23.54 16.32
N GLY D 16 -3.67 24.80 16.23
CA GLY D 16 -2.36 25.26 16.73
C GLY D 16 -2.33 25.61 18.18
N SER D 17 -3.43 25.43 18.88
CA SER D 17 -3.54 25.88 20.30
C SER D 17 -2.94 24.89 21.32
N ARG D 18 -2.57 23.69 20.89
CA ARG D 18 -2.14 22.65 21.83
C ARG D 18 -1.62 21.45 21.01
N GLY D 19 -0.95 20.55 21.68
CA GLY D 19 -0.65 19.29 21.05
C GLY D 19 0.32 19.42 19.87
N ILE D 20 0.13 18.50 18.92
CA ILE D 20 0.99 18.49 17.75
C ILE D 20 0.96 19.82 16.98
N GLY D 21 -0.20 20.46 16.86
CA GLY D 21 -0.27 21.67 16.17
C GLY D 21 0.50 22.82 16.78
N GLU D 22 0.53 22.85 18.14
CA GLU D 22 1.36 23.83 18.79
C GLU D 22 2.84 23.57 18.51
N ALA D 23 3.24 22.27 18.54
CA ALA D 23 4.66 21.99 18.22
C ALA D 23 5.06 22.44 16.79
N ILE D 24 4.16 22.11 15.88
CA ILE D 24 4.36 22.42 14.51
C ILE D 24 4.54 23.99 14.34
N SER D 25 3.62 24.75 15.01
CA SER D 25 3.61 26.13 14.93
C SER D 25 4.90 26.73 15.52
N MET D 26 5.29 26.19 16.64
CA MET D 26 6.56 26.56 17.26
C MET D 26 7.78 26.38 16.34
N GLN D 27 7.86 25.22 15.69
CA GLN D 27 9.02 24.96 14.82
C GLN D 27 8.97 25.83 13.60
N LEU D 28 7.80 26.04 13.01
CA LEU D 28 7.75 26.91 11.82
C LEU D 28 8.12 28.35 12.20
N ALA D 29 7.68 28.81 13.36
CA ALA D 29 8.06 30.16 13.81
C ALA D 29 9.59 30.31 14.00
N ALA D 30 10.18 29.26 14.66
CA ALA D 30 11.62 29.28 14.84
C ALA D 30 12.38 29.27 13.51
N GLU D 31 11.71 28.75 12.44
CA GLU D 31 12.26 28.74 11.08
C GLU D 31 11.95 30.00 10.27
N GLY D 32 11.28 30.92 10.92
CA GLY D 32 10.99 32.21 10.32
C GLY D 32 9.65 32.41 9.65
N TYR D 33 8.78 31.39 9.68
CA TYR D 33 7.44 31.56 9.16
C TYR D 33 6.55 32.45 10.06
N SER D 34 5.71 33.23 9.43
CA SER D 34 4.63 33.97 10.03
C SER D 34 3.49 33.02 10.14
N VAL D 35 3.13 32.67 11.39
CA VAL D 35 2.18 31.58 11.65
C VAL D 35 0.82 32.09 12.05
N THR D 36 -0.17 31.71 11.29
CA THR D 36 -1.56 31.88 11.68
C THR D 36 -2.05 30.58 12.29
N ILE D 37 -2.42 30.63 13.59
CA ILE D 37 -2.98 29.48 14.29
C ILE D 37 -4.51 29.58 14.42
N ALA D 38 -5.21 28.49 14.07
CA ALA D 38 -6.66 28.47 14.03
C ALA D 38 -7.28 27.36 14.75
N SER D 39 -8.22 27.66 15.65
CA SER D 39 -9.00 26.65 16.40
C SER D 39 -10.07 27.41 17.15
N ARG D 40 -10.74 26.74 18.06
CA ARG D 40 -11.93 27.35 18.75
C ARG D 40 -11.55 28.17 19.91
N GLY D 41 -10.51 27.73 20.62
CA GLY D 41 -10.18 28.33 21.91
C GLY D 41 -9.31 29.62 21.78
N LEU D 42 -9.96 30.76 21.75
CA LEU D 42 -9.34 32.01 21.44
C LEU D 42 -8.29 32.42 22.47
N GLU D 43 -8.58 32.29 23.79
CA GLU D 43 -7.60 32.69 24.80
C GLU D 43 -6.40 31.79 24.69
N GLN D 44 -6.61 30.50 24.44
CA GLN D 44 -5.47 29.55 24.32
C GLN D 44 -4.64 29.89 23.08
N LEU D 45 -5.34 30.19 21.97
CA LEU D 45 -4.61 30.61 20.75
C LEU D 45 -3.79 31.89 21.04
N GLU D 46 -4.35 32.88 21.78
CA GLU D 46 -3.59 34.06 22.17
C GLU D 46 -2.38 33.78 22.99
N ALA D 47 -2.49 32.80 23.90
CA ALA D 47 -1.37 32.45 24.78
C ALA D 47 -0.27 31.83 23.93
N VAL D 48 -0.66 30.89 23.02
CA VAL D 48 0.36 30.31 22.14
C VAL D 48 1.02 31.37 21.25
N LYS D 49 0.23 32.23 20.64
CA LYS D 49 0.74 33.28 19.78
C LYS D 49 1.80 34.12 20.45
N ALA D 50 1.57 34.47 21.70
CA ALA D 50 2.52 35.25 22.47
C ALA D 50 3.85 34.56 22.78
N LYS D 51 3.91 33.25 22.63
CA LYS D 51 5.11 32.49 22.89
C LYS D 51 5.78 32.02 21.61
N LEU D 52 5.17 32.19 20.47
CA LEU D 52 5.85 31.76 19.21
C LEU D 52 7.05 32.63 18.93
N PRO D 53 8.20 32.02 18.74
CA PRO D 53 9.36 32.88 18.51
C PRO D 53 9.32 33.83 17.30
N ILE D 54 10.04 34.90 17.40
CA ILE D 54 10.19 35.89 16.32
C ILE D 54 11.68 35.96 16.04
N VAL D 55 12.06 35.53 14.83
CA VAL D 55 13.43 35.36 14.46
C VAL D 55 13.83 36.18 13.23
N LYS D 56 12.91 36.89 12.59
CA LYS D 56 13.18 37.53 11.29
C LYS D 56 12.36 38.84 11.32
N GLN D 57 12.88 39.83 10.65
CA GLN D 57 12.23 41.08 10.45
C GLN D 57 10.97 40.90 9.59
N GLY D 58 9.88 41.50 10.02
CA GLY D 58 8.67 41.34 9.29
C GLY D 58 7.81 40.18 9.70
N GLN D 59 8.34 39.25 10.45
CA GLN D 59 7.60 38.07 10.85
C GLN D 59 6.56 38.42 11.90
N THR D 60 5.29 38.03 11.60
CA THR D 60 4.13 38.36 12.40
C THR D 60 3.31 37.09 12.60
N HIS D 61 2.84 36.79 13.79
CA HIS D 61 1.94 35.70 14.03
C HIS D 61 0.50 36.21 14.23
N HIS D 62 -0.45 35.37 13.91
CA HIS D 62 -1.85 35.67 13.94
C HIS D 62 -2.69 34.51 14.54
N VAL D 63 -3.86 34.89 15.05
CA VAL D 63 -4.85 33.90 15.50
C VAL D 63 -6.10 33.99 14.69
N TRP D 64 -6.81 32.87 14.56
CA TRP D 64 -8.08 32.83 13.87
C TRP D 64 -8.97 31.94 14.66
N GLN D 65 -9.98 32.52 15.27
CA GLN D 65 -10.97 31.71 15.94
C GLN D 65 -11.88 31.09 14.88
N LEU D 66 -11.82 29.80 14.78
CA LEU D 66 -12.51 29.00 13.77
C LEU D 66 -12.94 27.69 14.29
N ASP D 67 -14.22 27.41 14.13
CA ASP D 67 -14.77 26.14 14.49
C ASP D 67 -14.98 25.32 13.21
N LEU D 68 -14.21 24.23 13.09
CA LEU D 68 -14.27 23.42 11.88
C LEU D 68 -15.56 22.59 11.75
N SER D 69 -16.44 22.63 12.75
CA SER D 69 -17.79 22.08 12.65
C SER D 69 -18.59 22.90 11.60
N ASP D 70 -18.14 24.10 11.36
CA ASP D 70 -18.80 25.12 10.46
C ASP D 70 -18.03 25.22 9.11
N VAL D 71 -18.47 24.35 8.22
CA VAL D 71 -17.86 24.15 6.95
C VAL D 71 -17.92 25.43 6.09
N GLU D 72 -19.04 26.14 6.19
CA GLU D 72 -19.18 27.38 5.49
C GLU D 72 -18.20 28.41 6.02
N ALA D 73 -18.02 28.53 7.33
CA ALA D 73 -17.03 29.45 7.84
C ALA D 73 -15.61 29.12 7.38
N ALA D 74 -15.26 27.84 7.44
CA ALA D 74 -13.95 27.41 7.03
C ALA D 74 -13.67 27.77 5.54
N GLY D 75 -14.64 27.40 4.68
CA GLY D 75 -14.49 27.56 3.21
C GLY D 75 -14.45 29.05 2.79
N SER D 76 -15.10 29.92 3.58
CA SER D 76 -15.18 31.31 3.27
C SER D 76 -14.08 32.16 3.99
N PHE D 77 -13.22 31.52 4.78
CA PHE D 77 -12.21 32.23 5.58
C PHE D 77 -12.87 33.26 6.48
N LYS D 78 -14.02 32.86 7.05
CA LYS D 78 -14.80 33.79 7.91
C LYS D 78 -14.01 34.10 9.17
N GLY D 79 -13.69 35.41 9.35
CA GLY D 79 -12.99 35.88 10.55
C GLY D 79 -11.50 35.72 10.48
N ALA D 80 -10.98 35.31 9.34
CA ALA D 80 -9.62 34.99 9.25
C ALA D 80 -8.84 36.34 9.26
N PRO D 81 -7.63 36.39 9.82
CA PRO D 81 -6.85 37.56 9.91
C PRO D 81 -6.25 37.95 8.61
N LEU D 82 -5.96 36.98 7.75
CA LEU D 82 -5.33 37.25 6.44
C LEU D 82 -6.12 36.53 5.36
N PRO D 83 -6.10 37.09 4.14
CA PRO D 83 -6.73 36.39 3.05
C PRO D 83 -6.06 35.06 2.75
N ALA D 84 -6.82 34.16 2.21
CA ALA D 84 -6.29 32.84 1.83
C ALA D 84 -5.12 32.95 0.87
N SER D 85 -5.11 33.99 0.05
CA SER D 85 -4.02 34.24 -0.92
C SER D 85 -2.67 34.51 -0.30
N SER D 86 -2.63 34.75 1.00
CA SER D 86 -1.38 35.06 1.70
C SER D 86 -0.55 33.84 1.99
N TYR D 87 -1.08 32.64 1.89
CA TYR D 87 -0.44 31.49 2.55
C TYR D 87 0.46 30.71 1.54
N ASP D 88 1.70 30.43 1.95
CA ASP D 88 2.55 29.51 1.27
C ASP D 88 2.57 28.09 1.83
N VAL D 89 2.14 27.94 3.09
CA VAL D 89 2.09 26.67 3.83
C VAL D 89 0.78 26.57 4.47
N PHE D 90 0.10 25.45 4.29
CA PHE D 90 -1.11 25.11 5.01
C PHE D 90 -0.95 23.74 5.65
N VAL D 91 -0.96 23.69 6.97
CA VAL D 91 -0.92 22.46 7.72
C VAL D 91 -2.34 22.22 8.35
N SER D 92 -3.00 21.21 7.84
CA SER D 92 -4.35 20.76 8.28
C SER D 92 -4.14 19.74 9.40
N ASN D 93 -4.09 20.26 10.64
CA ASN D 93 -3.71 19.46 11.82
C ASN D 93 -4.90 19.23 12.78
N ALA D 94 -5.86 20.18 12.89
CA ALA D 94 -6.93 19.99 13.83
C ALA D 94 -7.68 18.72 13.61
N GLY D 95 -8.12 18.06 14.66
CA GLY D 95 -8.95 16.84 14.45
C GLY D 95 -9.46 16.32 15.78
N ILE D 96 -10.44 15.43 15.71
CA ILE D 96 -11.15 14.73 16.77
C ILE D 96 -10.97 13.24 16.59
N SER D 97 -10.73 12.52 17.67
CA SER D 97 -10.76 11.10 17.72
C SER D 97 -11.82 10.57 18.71
N GLN D 98 -12.54 9.56 18.30
CA GLN D 98 -13.60 8.93 19.08
C GLN D 98 -13.45 7.44 18.95
N PHE D 99 -13.53 6.74 20.04
CA PHE D 99 -13.41 5.30 20.12
C PHE D 99 -14.76 4.75 20.46
N SER D 100 -15.35 3.84 19.63
CA SER D 100 -16.61 3.24 19.92
C SER D 100 -16.80 2.05 19.01
N PRO D 101 -17.44 1.00 19.50
CA PRO D 101 -18.00 -0.02 18.51
C PRO D 101 -18.92 0.75 17.54
N ILE D 102 -18.91 0.38 16.29
CA ILE D 102 -19.66 1.15 15.29
C ILE D 102 -21.16 1.10 15.65
N ALA D 103 -21.63 -0.02 16.18
CA ALA D 103 -23.05 -0.19 16.50
C ALA D 103 -23.51 0.78 17.59
N GLU D 104 -22.60 1.26 18.44
CA GLU D 104 -22.95 2.09 19.60
C GLU D 104 -22.51 3.54 19.39
N HIS D 105 -21.95 3.93 18.24
CA HIS D 105 -21.37 5.22 18.04
C HIS D 105 -22.44 6.22 17.76
N ALA D 106 -22.59 7.15 18.72
CA ALA D 106 -23.66 8.13 18.59
C ALA D 106 -23.53 8.99 17.30
N ASP D 107 -24.64 9.12 16.57
CA ASP D 107 -24.66 9.80 15.29
C ASP D 107 -24.19 11.24 15.31
N ALA D 108 -24.60 12.04 16.31
CA ALA D 108 -24.14 13.40 16.40
C ALA D 108 -22.59 13.42 16.57
N ASP D 109 -22.05 12.38 17.26
CA ASP D 109 -20.62 12.40 17.50
C ASP D 109 -19.82 12.05 16.22
N TRP D 110 -20.13 10.91 15.59
CA TRP D 110 -19.31 10.49 14.45
C TRP D 110 -19.50 11.45 13.28
N GLN D 111 -20.71 12.03 13.14
CA GLN D 111 -20.92 12.98 12.08
C GLN D 111 -20.10 14.25 12.28
N ASN D 112 -20.03 14.69 13.54
CA ASN D 112 -19.22 15.81 13.86
C ASN D 112 -17.71 15.56 13.61
N MET D 113 -17.27 14.40 14.05
CA MET D 113 -15.88 13.99 13.75
C MET D 113 -15.60 13.99 12.23
N LEU D 114 -16.50 13.48 11.42
CA LEU D 114 -16.25 13.42 10.00
C LEU D 114 -16.17 14.80 9.41
N THR D 115 -17.06 15.70 9.90
CA THR D 115 -17.02 17.08 9.48
C THR D 115 -15.71 17.83 9.77
N VAL D 116 -15.27 17.70 11.00
CA VAL D 116 -14.05 18.38 11.47
C VAL D 116 -12.82 17.77 10.76
N ASN D 117 -12.80 16.44 10.66
CA ASN D 117 -11.61 15.76 10.13
C ASN D 117 -11.47 15.70 8.68
N LEU D 118 -12.56 15.78 7.96
CA LEU D 118 -12.52 15.59 6.47
C LEU D 118 -13.25 16.73 5.71
N THR D 119 -14.55 16.97 5.99
CA THR D 119 -15.27 17.91 5.20
C THR D 119 -14.72 19.36 5.30
N ALA D 120 -14.43 19.82 6.53
CA ALA D 120 -13.92 21.15 6.70
C ALA D 120 -12.50 21.34 6.11
N PRO D 121 -11.61 20.36 6.30
CA PRO D 121 -10.36 20.41 5.55
C PRO D 121 -10.47 20.50 4.05
N ILE D 122 -11.46 19.80 3.48
CA ILE D 122 -11.68 19.93 2.03
C ILE D 122 -12.03 21.37 1.71
N ALA D 123 -12.95 21.94 2.49
CA ALA D 123 -13.31 23.29 2.25
C ALA D 123 -12.20 24.31 2.42
N LEU D 124 -11.35 24.11 3.41
CA LEU D 124 -10.24 25.02 3.59
C LEU D 124 -9.20 24.91 2.44
N THR D 125 -8.98 23.65 2.03
CA THR D 125 -8.05 23.35 0.97
C THR D 125 -8.53 23.99 -0.34
N LYS D 126 -9.81 23.85 -0.63
CA LYS D 126 -10.36 24.46 -1.81
C LYS D 126 -10.10 26.00 -1.78
N ALA D 127 -10.34 26.64 -0.65
CA ALA D 127 -10.19 28.07 -0.54
C ALA D 127 -8.73 28.47 -0.77
N VAL D 128 -7.80 27.76 -0.13
CA VAL D 128 -6.42 28.08 -0.26
C VAL D 128 -6.00 27.87 -1.73
N VAL D 129 -6.34 26.66 -2.29
CA VAL D 129 -5.95 26.38 -3.66
C VAL D 129 -6.49 27.44 -4.68
N LYS D 130 -7.72 27.85 -4.52
CA LYS D 130 -8.35 28.84 -5.41
C LYS D 130 -7.56 30.15 -5.31
N ALA D 131 -7.14 30.50 -4.08
CA ALA D 131 -6.50 31.75 -3.88
C ALA D 131 -5.03 31.80 -4.35
N ILE D 132 -4.34 30.65 -4.28
CA ILE D 132 -2.90 30.60 -4.59
C ILE D 132 -2.46 29.88 -5.87
N SER D 133 -3.33 29.12 -6.51
CA SER D 133 -2.93 28.29 -7.67
C SER D 133 -2.16 29.04 -8.70
N ASP D 134 -2.57 30.27 -9.00
CA ASP D 134 -1.95 30.96 -10.11
C ASP D 134 -1.01 32.03 -9.74
N LYS D 135 -0.66 32.10 -8.46
CA LYS D 135 0.37 32.99 -8.03
C LYS D 135 1.70 32.44 -8.46
N PRO D 136 2.63 33.33 -8.92
CA PRO D 136 3.95 32.87 -9.34
C PRO D 136 4.76 32.50 -8.15
N ARG D 137 5.56 31.47 -8.26
CA ARG D 137 6.45 31.18 -7.10
C ARG D 137 7.70 30.54 -7.58
N GLN D 138 8.76 30.81 -6.81
CA GLN D 138 10.14 30.28 -7.05
C GLN D 138 10.27 28.83 -6.58
N THR D 139 9.53 28.50 -5.56
CA THR D 139 9.77 27.31 -4.85
C THR D 139 8.35 26.87 -4.44
N PRO D 140 8.11 25.60 -4.30
CA PRO D 140 6.73 25.16 -4.08
C PRO D 140 6.05 25.59 -2.82
N ALA D 141 4.78 25.89 -2.93
CA ALA D 141 3.94 25.91 -1.76
C ALA D 141 3.69 24.51 -1.24
N HIS D 142 3.28 24.42 0.04
CA HIS D 142 3.06 23.16 0.73
C HIS D 142 1.73 23.05 1.44
N ILE D 143 1.01 22.00 1.14
CA ILE D 143 -0.20 21.58 1.89
C ILE D 143 0.13 20.28 2.52
N ILE D 144 0.02 20.26 3.86
CA ILE D 144 0.38 19.07 4.62
C ILE D 144 -0.81 18.74 5.52
N PHE D 145 -1.30 17.55 5.37
CA PHE D 145 -2.35 16.99 6.25
C PHE D 145 -1.80 16.10 7.36
N ILE D 146 -2.30 16.26 8.58
CA ILE D 146 -1.93 15.33 9.68
C ILE D 146 -2.96 14.21 9.74
N SER D 147 -2.48 13.01 9.45
CA SER D 147 -3.30 11.84 9.38
C SER D 147 -3.13 10.94 10.59
N THR D 148 -3.04 9.65 10.45
CA THR D 148 -2.89 8.75 11.59
C THR D 148 -2.51 7.36 11.05
N GLY D 149 -1.78 6.59 11.83
CA GLY D 149 -1.50 5.25 11.41
C GLY D 149 -2.75 4.41 11.17
N LEU D 150 -3.85 4.76 11.84
CA LEU D 150 -5.10 4.08 11.74
C LEU D 150 -5.75 4.22 10.37
N SER D 151 -5.30 5.16 9.55
CA SER D 151 -5.90 5.30 8.20
C SER D 151 -5.33 4.25 7.29
N LYS D 152 -4.25 3.58 7.67
CA LYS D 152 -3.54 2.60 6.78
C LYS D 152 -3.55 1.17 7.28
N ARG D 153 -3.70 0.98 8.61
CA ARG D 153 -3.79 -0.27 9.28
C ARG D 153 -4.99 -0.22 10.20
N GLY D 154 -5.90 -1.14 10.01
CA GLY D 154 -7.15 -1.07 10.68
C GLY D 154 -7.00 -1.47 12.14
N ALA D 155 -7.97 -1.01 12.96
CA ALA D 155 -8.09 -1.40 14.38
C ALA D 155 -9.53 -1.35 14.80
N PRO D 156 -9.91 -2.15 15.83
CA PRO D 156 -11.33 -2.12 16.30
C PRO D 156 -11.62 -0.77 16.96
N MET D 157 -12.88 -0.37 16.87
CA MET D 157 -13.43 0.72 17.66
C MET D 157 -13.11 2.11 17.09
N VAL D 158 -12.55 2.16 15.86
CA VAL D 158 -12.10 3.41 15.28
C VAL D 158 -12.56 3.50 13.84
N GLY D 159 -13.77 2.99 13.59
CA GLY D 159 -14.26 2.94 12.25
C GLY D 159 -14.41 4.27 11.52
N VAL D 160 -15.15 5.20 12.11
CA VAL D 160 -15.33 6.49 11.45
C VAL D 160 -14.06 7.39 11.56
N TYR D 161 -13.30 7.29 12.66
CA TYR D 161 -12.10 7.99 12.74
C TYR D 161 -11.17 7.60 11.61
N SER D 162 -11.04 6.28 11.43
CA SER D 162 -10.16 5.79 10.35
C SER D 162 -10.68 6.21 8.97
N ALA D 163 -11.97 6.16 8.79
CA ALA D 163 -12.53 6.59 7.53
C ALA D 163 -12.18 8.07 7.25
N SER D 164 -12.36 8.93 8.25
CA SER D 164 -12.09 10.35 8.09
C SER D 164 -10.68 10.64 7.63
N LYS D 165 -9.72 9.94 8.23
CA LYS D 165 -8.32 10.15 7.89
C LYS D 165 -7.81 9.45 6.66
N ALA D 166 -8.38 8.29 6.40
CA ALA D 166 -8.19 7.64 5.10
C ALA D 166 -8.70 8.51 3.96
N GLY D 167 -9.83 9.16 4.19
CA GLY D 167 -10.31 10.15 3.28
C GLY D 167 -9.31 11.25 2.94
N ILE D 168 -8.72 11.83 3.99
CA ILE D 168 -7.66 12.81 3.86
C ILE D 168 -6.50 12.27 3.00
N ASP D 169 -6.15 10.99 3.26
CA ASP D 169 -5.02 10.42 2.49
C ASP D 169 -5.38 10.39 0.97
N GLY D 170 -6.62 10.00 0.66
CA GLY D 170 -7.02 9.88 -0.76
C GLY D 170 -7.10 11.22 -1.42
N PHE D 171 -7.66 12.19 -0.66
CA PHE D 171 -7.64 13.65 -1.07
C PHE D 171 -6.19 14.15 -1.42
N MET D 172 -5.30 13.84 -0.50
CA MET D 172 -3.90 14.19 -0.68
C MET D 172 -3.30 13.67 -1.95
N ARG D 173 -3.55 12.35 -2.17
CA ARG D 173 -2.94 11.76 -3.41
C ARG D 173 -3.40 12.44 -4.67
N SER D 174 -4.72 12.61 -4.75
CA SER D 174 -5.23 13.24 -5.90
C SER D 174 -4.82 14.71 -6.07
N LEU D 175 -4.83 15.49 -4.99
CA LEU D 175 -4.39 16.91 -5.04
C LEU D 175 -2.91 17.00 -5.44
N ALA D 176 -2.09 16.02 -4.96
CA ALA D 176 -0.70 16.02 -5.37
C ALA D 176 -0.59 15.97 -6.89
N ARG D 177 -1.38 15.11 -7.51
CA ARG D 177 -1.33 15.00 -8.99
C ARG D 177 -1.88 16.21 -9.66
N GLU D 178 -2.98 16.73 -9.13
CA GLU D 178 -3.58 17.89 -9.69
C GLU D 178 -2.71 19.17 -9.64
N LEU D 179 -2.05 19.34 -8.51
CA LEU D 179 -1.42 20.61 -8.12
C LEU D 179 0.08 20.67 -8.32
N GLY D 180 0.73 19.51 -8.57
CA GLY D 180 2.20 19.50 -8.81
C GLY D 180 2.57 20.46 -9.90
N PRO D 181 1.82 20.45 -11.03
CA PRO D 181 2.17 21.37 -12.11
C PRO D 181 1.91 22.85 -11.84
N LYS D 182 1.24 23.20 -10.73
CA LYS D 182 1.04 24.54 -10.28
C LYS D 182 2.03 24.93 -9.18
N GLY D 183 2.96 24.07 -8.90
CA GLY D 183 3.92 24.37 -7.84
C GLY D 183 3.37 24.27 -6.44
N ILE D 184 2.49 23.33 -6.21
CA ILE D 184 1.99 23.05 -4.85
C ILE D 184 2.23 21.58 -4.59
N ASN D 185 2.98 21.28 -3.54
CA ASN D 185 3.27 19.94 -3.12
C ASN D 185 2.39 19.60 -1.94
N VAL D 186 1.92 18.36 -1.90
CA VAL D 186 0.84 17.94 -1.02
C VAL D 186 1.16 16.61 -0.38
N ASN D 187 1.18 16.52 0.97
CA ASN D 187 1.65 15.28 1.64
C ASN D 187 0.89 15.13 2.93
N CYS D 188 0.98 13.96 3.50
CA CYS D 188 0.51 13.66 4.86
C CYS D 188 1.68 13.43 5.78
N VAL D 189 1.47 13.75 7.06
CA VAL D 189 2.33 13.19 8.12
C VAL D 189 1.42 12.35 8.98
N SER D 190 1.80 11.13 9.29
CA SER D 190 0.99 10.20 10.03
C SER D 190 1.54 9.81 11.37
N PRO D 191 1.04 10.48 12.42
CA PRO D 191 1.53 10.11 13.76
C PRO D 191 0.96 8.79 14.26
N GLY D 192 1.74 8.14 15.15
CA GLY D 192 1.30 7.09 15.97
C GLY D 192 0.78 7.64 17.31
N VAL D 193 0.96 6.89 18.35
CA VAL D 193 0.45 7.26 19.69
C VAL D 193 1.38 8.30 20.27
N THR D 194 0.86 9.48 20.42
CA THR D 194 1.67 10.67 20.76
C THR D 194 1.17 11.16 22.10
N ARG D 195 2.08 11.81 22.84
CA ARG D 195 1.76 12.24 24.22
C ARG D 195 0.95 13.58 24.15
N THR D 196 -0.31 13.46 23.83
CA THR D 196 -1.22 14.58 23.82
C THR D 196 -2.57 14.17 24.53
N SER D 197 -3.47 15.16 24.61
CA SER D 197 -4.73 15.00 25.28
C SER D 197 -5.56 13.97 24.55
N MET D 198 -5.33 13.88 23.24
CA MET D 198 -6.04 12.92 22.44
C MET D 198 -5.72 11.50 22.88
N ALA D 199 -4.58 11.23 23.55
CA ALA D 199 -4.21 9.84 23.99
C ALA D 199 -4.49 9.56 25.52
N GLU D 200 -5.36 10.41 26.11
CA GLU D 200 -6.00 10.21 27.44
C GLU D 200 -6.78 8.92 27.35
N GLY D 201 -6.42 7.96 28.18
CA GLY D 201 -7.17 6.71 28.21
C GLY D 201 -6.63 5.68 27.20
N ILE D 202 -5.63 6.02 26.38
CA ILE D 202 -4.99 4.95 25.59
C ILE D 202 -3.49 4.93 25.94
N ASP D 203 -2.84 3.88 25.56
CA ASP D 203 -1.44 3.72 25.94
C ASP D 203 -0.72 3.03 24.75
N PRO D 204 0.58 3.35 24.58
CA PRO D 204 1.31 2.68 23.48
C PRO D 204 1.34 1.13 23.61
N SER D 205 1.26 0.61 24.83
CA SER D 205 1.19 -0.84 24.99
C SER D 205 -0.09 -1.57 24.47
N MET D 206 -1.19 -0.89 24.17
CA MET D 206 -2.32 -1.53 23.55
C MET D 206 -2.09 -1.75 22.05
N PHE D 207 -0.97 -1.26 21.50
CA PHE D 207 -0.69 -1.51 20.17
C PHE D 207 0.57 -2.44 20.08
N ASP D 208 0.67 -2.98 18.94
CA ASP D 208 1.73 -4.01 18.74
C ASP D 208 2.87 -3.19 18.25
N LEU D 209 3.71 -2.60 19.12
CA LEU D 209 4.70 -1.58 18.59
C LEU D 209 6.16 -2.03 18.59
N PRO D 210 6.84 -1.86 17.46
CA PRO D 210 8.27 -2.14 17.42
C PRO D 210 9.07 -1.27 18.41
N ILE D 211 8.63 -0.07 18.59
CA ILE D 211 9.23 0.87 19.52
C ILE D 211 8.19 1.10 20.57
N ASN D 212 8.41 0.52 21.73
CA ASN D 212 7.34 0.53 22.78
C ASN D 212 7.46 1.66 23.73
N GLY D 213 6.86 2.75 23.38
CA GLY D 213 6.78 3.93 24.14
C GLY D 213 5.97 5.05 23.46
N TRP D 214 5.93 6.16 24.12
CA TRP D 214 5.28 7.38 23.62
C TRP D 214 6.09 8.12 22.57
N ILE D 215 5.40 8.70 21.58
CA ILE D 215 6.05 9.63 20.69
C ILE D 215 5.81 11.04 21.17
N GLU D 216 6.83 11.84 21.25
CA GLU D 216 6.69 13.24 21.62
C GLU D 216 6.17 14.08 20.49
N VAL D 217 5.51 15.18 20.82
CA VAL D 217 5.02 16.05 19.77
C VAL D 217 6.11 16.60 18.86
N ASP D 218 7.32 16.77 19.42
CA ASP D 218 8.47 17.29 18.69
C ASP D 218 8.71 16.44 17.36
N ALA D 219 8.52 15.13 17.50
CA ALA D 219 8.90 14.20 16.39
C ALA D 219 7.96 14.41 15.24
N ILE D 220 6.73 14.77 15.54
CA ILE D 220 5.76 14.99 14.46
C ILE D 220 6.06 16.31 13.72
N ALA D 221 6.35 17.36 14.51
CA ALA D 221 6.69 18.63 13.97
C ALA D 221 8.00 18.50 13.13
N ASP D 222 8.96 17.63 13.58
CA ASP D 222 10.15 17.45 12.80
C ASP D 222 9.84 17.02 11.37
N ALA D 223 8.89 16.13 11.22
CA ALA D 223 8.50 15.61 9.89
C ALA D 223 7.89 16.74 9.03
N VAL D 224 7.02 17.54 9.66
CA VAL D 224 6.44 18.72 8.99
C VAL D 224 7.50 19.66 8.51
N THR D 225 8.50 19.96 9.37
CA THR D 225 9.54 20.86 9.02
C THR D 225 10.41 20.30 7.86
N TYR D 226 10.71 18.99 7.94
CA TYR D 226 11.35 18.35 6.80
C TYR D 226 10.59 18.57 5.45
N LEU D 227 9.26 18.34 5.52
CA LEU D 227 8.45 18.49 4.31
C LEU D 227 8.44 19.92 3.81
N VAL D 228 8.23 20.87 4.73
CA VAL D 228 8.11 22.22 4.26
C VAL D 228 9.42 22.76 3.60
N LYS D 229 10.57 22.18 4.00
CA LYS D 229 11.84 22.54 3.46
C LYS D 229 12.20 21.76 2.14
N SER D 230 11.38 20.79 1.78
CA SER D 230 11.61 19.95 0.61
C SER D 230 10.97 20.51 -0.63
N LYS D 231 11.50 20.05 -1.77
CA LYS D 231 11.00 20.45 -3.10
C LYS D 231 10.50 19.31 -3.98
N ASN D 232 10.89 18.12 -3.74
CA ASN D 232 10.65 16.95 -4.62
C ASN D 232 9.82 15.85 -3.98
N VAL D 233 9.11 16.17 -2.89
CA VAL D 233 8.33 15.22 -2.17
C VAL D 233 6.85 15.61 -2.32
N THR D 234 6.05 14.75 -2.98
CA THR D 234 4.63 15.06 -3.12
C THR D 234 3.85 13.77 -3.31
N GLY D 235 2.60 13.72 -2.81
CA GLY D 235 1.83 12.54 -2.85
C GLY D 235 2.11 11.40 -1.87
N THR D 236 2.90 11.71 -0.81
CA THR D 236 3.37 10.76 0.04
C THR D 236 2.85 10.91 1.48
N THR D 237 3.12 9.89 2.28
CA THR D 237 2.97 10.02 3.74
C THR D 237 4.33 9.86 4.38
N VAL D 238 4.64 10.65 5.36
CA VAL D 238 5.78 10.44 6.25
C VAL D 238 5.19 9.92 7.59
N SER D 239 5.47 8.66 7.92
CA SER D 239 4.85 7.93 9.06
C SER D 239 5.81 8.11 10.24
N VAL D 240 5.32 8.69 11.32
CA VAL D 240 6.13 8.86 12.54
C VAL D 240 5.38 8.16 13.64
N ASP D 241 5.42 6.84 13.66
CA ASP D 241 4.47 6.02 14.35
C ASP D 241 5.03 4.87 15.22
N ASN D 242 6.34 4.93 15.49
CA ASN D 242 7.00 3.95 16.35
C ASN D 242 6.83 2.52 15.74
N GLY D 243 6.59 2.49 14.44
CA GLY D 243 6.45 1.21 13.77
C GLY D 243 5.08 0.65 13.63
N TYR D 244 4.07 1.40 14.04
CA TYR D 244 2.71 0.81 14.01
C TYR D 244 2.34 0.20 12.64
N CYS D 245 2.65 0.91 11.54
CA CYS D 245 2.18 0.45 10.20
C CYS D 245 3.15 -0.50 9.55
N ALA D 246 4.23 -0.81 10.21
CA ALA D 246 5.16 -1.84 9.73
C ALA D 246 4.49 -3.28 9.57
PA NAP E . 4.28 -26.71 1.68
O1A NAP E . 3.05 -27.58 1.95
O2A NAP E . 5.58 -26.62 2.49
O5B NAP E . 4.54 -27.10 0.13
C5B NAP E . 5.71 -26.61 -0.46
C4B NAP E . 5.86 -27.06 -1.93
O4B NAP E . 7.04 -26.39 -2.48
C3B NAP E . 5.90 -28.58 -1.95
O3B NAP E . 5.14 -29.08 -3.06
C2B NAP E . 7.41 -28.74 -2.30
O2B NAP E . 7.59 -29.97 -2.95
C1B NAP E . 7.73 -27.46 -3.10
N9A NAP E . 9.17 -27.15 -2.99
C8A NAP E . 9.79 -26.84 -1.78
N7A NAP E . 11.09 -26.67 -2.04
C5A NAP E . 11.31 -26.91 -3.40
C6A NAP E . 12.41 -26.88 -4.30
N6A NAP E . 13.63 -26.63 -3.83
N1A NAP E . 12.18 -27.15 -5.62
C2A NAP E . 10.99 -27.46 -6.05
N3A NAP E . 9.84 -27.49 -5.28
C4A NAP E . 10.01 -27.22 -3.97
O3 NAP E . 3.97 -25.10 1.49
PN NAP E . 2.56 -24.42 1.37
O1N NAP E . 2.07 -23.94 2.75
O2N NAP E . 1.56 -25.29 0.54
O5D NAP E . 3.06 -23.05 0.65
C5D NAP E . 2.76 -22.78 -0.77
C4D NAP E . 3.22 -21.40 -0.96
O4D NAP E . 2.62 -20.46 -0.04
C3D NAP E . 4.73 -21.21 -0.57
O3D NAP E . 5.44 -20.62 -1.67
C2D NAP E . 4.71 -20.27 0.64
O2D NAP E . 5.99 -19.74 0.75
C1D NAP E . 3.50 -19.41 0.35
N1N NAP E . 2.70 -19.09 1.56
P2B NAP E . 8.89 -30.96 -2.90
O1X NAP E . 9.17 -31.12 -1.42
O2X NAP E . 10.03 -30.28 -3.72
O3X NAP E . 8.29 -32.22 -3.59
C1 IPA F . -10.43 -23.66 -19.69
C2 IPA F . -10.10 -25.15 -19.44
C3 IPA F . -11.46 -25.75 -19.56
O2 IPA F . -9.14 -25.82 -20.40
PA NAP G . -23.79 4.19 -12.18
O1A NAP G . -23.75 5.75 -12.25
O2A NAP G . -24.08 3.35 -13.38
O5B NAP G . -24.93 3.72 -11.14
C5B NAP G . -24.94 4.57 -9.94
C4B NAP G . -25.93 3.91 -9.06
O4B NAP G . -25.99 4.55 -7.74
C3B NAP G . -27.35 3.95 -9.62
O3B NAP G . -27.97 2.72 -9.36
C2B NAP G . -28.02 5.06 -8.85
O2B NAP G . -29.40 4.82 -8.86
C1B NAP G . -27.34 4.92 -7.46
N9A NAP G . -27.33 6.22 -6.82
C8A NAP G . -26.72 7.34 -7.27
N7A NAP G . -26.96 8.44 -6.49
C5A NAP G . -27.74 7.91 -5.48
C6A NAP G . -28.44 8.46 -4.31
N6A NAP G . -28.29 9.77 -4.05
N1A NAP G . -29.15 7.62 -3.51
C2A NAP G . -29.34 6.33 -3.77
N3A NAP G . -28.70 5.74 -4.86
C4A NAP G . -28.02 6.50 -5.69
O3 NAP G . -22.34 3.92 -11.52
PN NAP G . -21.55 2.48 -11.62
O1N NAP G . -22.45 1.21 -11.69
O2N NAP G . -20.46 2.89 -12.72
O5D NAP G . -20.79 2.63 -10.17
C5D NAP G . -21.11 1.75 -9.09
C4D NAP G . -20.05 2.14 -8.04
O4D NAP G . -18.65 2.02 -8.52
C3D NAP G . -20.13 3.62 -7.63
O3D NAP G . -20.17 3.66 -6.18
C2D NAP G . -18.81 4.19 -8.11
O2D NAP G . -18.51 5.44 -7.47
C1D NAP G . -17.79 3.05 -7.86
P2B NAP G . -30.62 5.97 -8.74
O1X NAP G . -30.18 6.87 -9.84
O2X NAP G . -31.84 5.02 -8.99
O3X NAP G . -30.64 6.59 -7.33
PA NAP H . 24.86 5.38 -9.49
O1A NAP H . 25.14 6.88 -9.70
O2A NAP H . 24.97 4.48 -10.72
O5B NAP H . 25.90 4.88 -8.36
C5B NAP H . 25.96 3.43 -8.16
C4B NAP H . 26.79 3.23 -6.93
O4B NAP H . 26.75 1.83 -6.52
C3B NAP H . 28.24 3.66 -7.21
O3B NAP H . 28.93 4.29 -6.15
C2B NAP H . 28.90 2.35 -7.50
O2B NAP H . 30.30 2.43 -7.18
C1B NAP H . 28.13 1.43 -6.57
N9A NAP H . 28.24 0.05 -7.09
C8A NAP H . 27.73 -0.35 -8.30
N7A NAP H . 28.02 -1.67 -8.46
C5A NAP H . 28.71 -2.08 -7.31
C6A NAP H . 29.35 -3.31 -6.87
N6A NAP H . 29.26 -4.45 -7.60
N1A NAP H . 29.95 -3.33 -5.64
C2A NAP H . 29.94 -2.25 -4.88
N3A NAP H . 29.49 -1.06 -5.25
C4A NAP H . 28.83 -0.93 -6.45
O3 NAP H . 23.38 5.05 -8.82
PN NAP H . 22.42 6.14 -7.99
O1N NAP H . 21.42 6.62 -9.12
O2N NAP H . 23.38 7.12 -7.16
O5D NAP H . 21.65 5.06 -6.99
C5D NAP H . 21.74 5.03 -5.60
C4D NAP H . 20.63 4.02 -5.41
O4D NAP H . 19.35 4.54 -5.76
C3D NAP H . 20.74 2.71 -6.18
O3D NAP H . 20.65 1.64 -5.26
C2D NAP H . 19.52 2.73 -7.11
O2D NAP H . 19.19 1.40 -7.54
C1D NAP H . 18.45 3.50 -6.31
P2B NAP H . 31.54 1.68 -7.97
O1X NAP H . 31.29 1.77 -9.49
O2X NAP H . 32.80 2.42 -7.51
O3X NAP H . 31.50 0.22 -7.41
C1 IPA I . 27.97 11.76 15.30
C2 IPA I . 27.01 12.93 15.68
C3 IPA I . 27.53 13.98 14.88
O2 IPA I . 25.62 13.01 15.40
C1 GOL J . 42.59 2.97 6.19
O1 GOL J . 41.82 3.18 4.86
C2 GOL J . 41.77 2.43 7.34
O2 GOL J . 41.91 2.94 8.60
C3 GOL J . 40.49 3.15 7.24
O3 GOL J . 40.83 4.43 7.26
PA NAP K . -5.10 17.44 20.44
O1A NAP K . -4.02 17.78 21.41
O2A NAP K . -6.44 16.88 20.86
O5B NAP K . -5.35 18.78 19.63
C5B NAP K . -6.50 18.92 18.78
C4B NAP K . -6.45 20.31 18.16
O4B NAP K . -7.56 20.38 17.24
C3B NAP K . -6.63 21.41 19.19
O3B NAP K . -5.79 22.49 18.85
C2B NAP K . -8.10 21.79 19.08
O2B NAP K . -8.19 23.20 19.44
C1B NAP K . -8.28 21.54 17.54
N9A NAP K . -9.69 21.23 17.27
C8A NAP K . -10.45 20.23 17.78
N7A NAP K . -11.76 20.29 17.34
C5A NAP K . -11.81 21.42 16.59
C6A NAP K . -12.88 22.19 15.86
N6A NAP K . -14.16 21.73 15.90
N1A NAP K . -12.56 23.33 15.22
C2A NAP K . -11.29 23.75 15.21
N3A NAP K . -10.26 23.17 15.88
C4A NAP K . -10.49 22.03 16.53
O3 NAP K . -4.74 16.42 19.22
PN NAP K . -3.29 16.06 18.67
O1N NAP K . -3.03 14.73 19.29
O2N NAP K . -2.31 17.17 18.84
O5D NAP K . -3.72 15.65 17.19
C5D NAP K . -3.27 16.39 16.04
C4D NAP K . -3.80 15.65 14.81
O4D NAP K . -3.23 14.31 14.76
C3D NAP K . -5.28 15.36 14.81
O3D NAP K . -5.90 15.71 13.52
C2D NAP K . -5.32 13.85 15.00
O2D NAP K . -6.54 13.21 14.66
C1D NAP K . -4.18 13.35 14.06
P2B NAP K . -9.59 23.87 20.08
O1X NAP K . -9.91 22.86 21.17
O2X NAP K . -10.56 24.01 18.94
O3X NAP K . -8.95 25.17 20.58
C1 GOL L . 11.97 31.09 4.81
O1 GOL L . 12.77 29.94 5.01
C2 GOL L . 11.18 30.98 6.10
O2 GOL L . 11.91 31.88 6.93
C3 GOL L . 9.71 31.32 5.97
O3 GOL L . 9.72 32.62 5.51
#